data_8CTY
#
_entry.id   8CTY
#
_cell.length_a   64.976
_cell.length_b   65.834
_cell.length_c   95.723
_cell.angle_alpha   84.540
_cell.angle_beta   88.200
_cell.angle_gamma   62.490
#
_symmetry.space_group_name_H-M   'P 1'
#
loop_
_entity.id
_entity.type
_entity.pdbx_description
1 polymer 'Ribonuclease H'
2 polymer "DNA (5'-D(*CP*GP*CP*GP*AP*AP*TP*TP*(OWR)P*GP*CP*G)-3')"
3 non-polymer 1,2-ETHANEDIOL
4 non-polymer 'CHLORIDE ION'
5 non-polymer GLYCEROL
6 non-polymer DI(HYDROXYETHYL)ETHER
7 non-polymer 'SODIUM ION'
8 non-polymer 'ACETATE ION'
9 water water
#
loop_
_entity_poly.entity_id
_entity_poly.type
_entity_poly.pdbx_seq_one_letter_code
_entity_poly.pdbx_strand_id
1 'polypeptide(L)'
;GSHMAKEEIIWESLSVDVGSQGNPGIVEYKGVDTKTGEVLFEREPIPIGTNNMGEFLAIVHGLRYLKERNSRKPIYSNSQ
TAIKWVKDKKAKSTLVRNEETALIWKLVDEAEEWLNTHTYETPILKWQTDKWGEIKADYGRK
;
A,B,C,D,E,F,G,H
2 'polydeoxyribonucleotide' (DC)(DG)(DC)(DG)(DA)(DA)(DT)(DT)(OWR)(DG)(DC)(DG) I,J,K,L,M,N
#
# COMPACT_ATOMS: atom_id res chain seq x y z
N GLU A 8 -27.70 -19.08 62.23
CA GLU A 8 -29.06 -19.26 61.72
C GLU A 8 -29.14 -20.54 60.87
N ILE A 9 -28.10 -21.33 60.91
CA ILE A 9 -28.00 -22.46 60.00
C ILE A 9 -28.45 -23.74 60.70
N ILE A 10 -29.16 -24.57 59.97
CA ILE A 10 -29.73 -25.80 60.51
C ILE A 10 -28.83 -26.95 60.04
N TRP A 11 -27.99 -27.43 60.95
CA TRP A 11 -26.97 -28.41 60.60
C TRP A 11 -27.57 -29.76 60.22
N GLU A 12 -28.67 -30.15 60.87
CA GLU A 12 -29.31 -31.46 60.64
C GLU A 12 -30.22 -31.36 59.42
N SER A 13 -29.62 -31.48 58.25
CA SER A 13 -30.21 -30.95 57.03
C SER A 13 -29.47 -31.50 55.80
N LEU A 14 -30.02 -31.18 54.63
CA LEU A 14 -29.54 -31.71 53.37
C LEU A 14 -29.07 -30.58 52.47
N SER A 15 -27.92 -30.75 51.84
CA SER A 15 -27.37 -29.73 50.96
C SER A 15 -27.16 -30.31 49.57
N VAL A 16 -27.68 -29.62 48.55
CA VAL A 16 -27.47 -30.04 47.16
C VAL A 16 -26.65 -28.99 46.42
N ASP A 17 -25.97 -29.45 45.38
CA ASP A 17 -25.25 -28.53 44.52
C ASP A 17 -24.99 -29.23 43.21
N VAL A 18 -24.73 -28.41 42.20
CA VAL A 18 -24.55 -28.86 40.83
C VAL A 18 -23.10 -28.64 40.43
N GLY A 19 -22.50 -29.65 39.82
CA GLY A 19 -21.22 -29.49 39.15
C GLY A 19 -21.46 -29.31 37.67
N SER A 20 -20.79 -28.33 37.09
CA SER A 20 -20.99 -27.94 35.70
C SER A 20 -19.65 -27.90 34.98
N GLN A 21 -19.60 -28.52 33.81
CA GLN A 21 -18.47 -28.41 32.88
C GLN A 21 -18.96 -27.56 31.70
N GLY A 22 -18.94 -26.25 31.89
CA GLY A 22 -19.58 -25.33 30.99
C GLY A 22 -21.05 -25.13 31.33
N ASN A 23 -21.59 -24.02 30.83
CA ASN A 23 -22.99 -23.64 31.00
C ASN A 23 -23.44 -22.82 29.80
N PRO A 24 -24.24 -23.38 28.89
CA PRO A 24 -24.71 -24.78 28.84
C PRO A 24 -23.56 -25.77 28.70
N GLY A 25 -23.68 -26.94 29.31
CA GLY A 25 -22.61 -27.90 29.31
C GLY A 25 -23.04 -29.18 29.97
N ILE A 26 -22.05 -29.96 30.39
CA ILE A 26 -22.33 -31.16 31.17
C ILE A 26 -22.74 -30.75 32.57
N VAL A 27 -23.78 -31.39 33.11
CA VAL A 27 -24.30 -31.07 34.44
C VAL A 27 -24.41 -32.38 35.23
N GLU A 28 -23.95 -32.33 36.48
CA GLU A 28 -24.22 -33.36 37.47
C GLU A 28 -24.66 -32.68 38.76
N TYR A 29 -25.16 -33.48 39.70
CA TYR A 29 -25.51 -32.93 41.00
C TYR A 29 -25.45 -34.04 42.03
N LYS A 30 -25.41 -33.62 43.29
CA LYS A 30 -25.37 -34.57 44.39
C LYS A 30 -26.01 -33.91 45.62
N GLY A 31 -26.49 -34.75 46.52
CA GLY A 31 -27.03 -34.28 47.77
C GLY A 31 -26.23 -34.88 48.90
N VAL A 32 -25.79 -34.05 49.85
CA VAL A 32 -24.90 -34.48 50.91
C VAL A 32 -25.47 -34.06 52.26
N ASP A 33 -25.02 -34.77 53.30
CA ASP A 33 -25.34 -34.41 54.68
C ASP A 33 -24.59 -33.13 55.06
N THR A 34 -25.33 -32.15 55.57
CA THR A 34 -24.74 -30.84 55.82
C THR A 34 -23.75 -30.89 56.97
N LYS A 35 -23.97 -31.76 57.95
CA LYS A 35 -23.11 -31.86 59.12
C LYS A 35 -21.88 -32.74 58.84
N THR A 36 -22.11 -33.99 58.42
CA THR A 36 -21.02 -34.92 58.19
C THR A 36 -20.31 -34.63 56.87
N GLY A 37 -21.07 -34.56 55.78
CA GLY A 37 -20.54 -34.54 54.44
C GLY A 37 -20.85 -35.78 53.65
N GLU A 38 -21.51 -36.76 54.27
CA GLU A 38 -21.83 -38.00 53.56
C GLU A 38 -22.70 -37.73 52.35
N VAL A 39 -22.41 -38.42 51.25
CA VAL A 39 -23.18 -38.26 50.02
C VAL A 39 -24.39 -39.18 50.08
N LEU A 40 -25.59 -38.56 50.07
CA LEU A 40 -26.85 -39.27 50.23
C LEU A 40 -27.41 -39.72 48.89
N PHE A 41 -27.27 -38.87 47.88
CA PHE A 41 -27.61 -39.24 46.53
C PHE A 41 -26.70 -38.44 45.60
N GLU A 42 -26.70 -38.84 44.34
CA GLU A 42 -25.78 -38.35 43.34
C GLU A 42 -26.31 -38.79 42.00
N ARG A 43 -26.17 -37.98 40.98
CA ARG A 43 -26.70 -38.39 39.70
C ARG A 43 -25.65 -38.22 38.60
N GLU A 44 -25.69 -39.14 37.65
CA GLU A 44 -24.62 -39.27 36.68
C GLU A 44 -24.63 -38.09 35.71
N PRO A 45 -23.46 -37.60 35.30
CA PRO A 45 -23.40 -36.39 34.46
C PRO A 45 -24.31 -36.47 33.25
N ILE A 46 -24.99 -35.35 32.98
CA ILE A 46 -25.87 -35.20 31.82
C ILE A 46 -25.10 -34.43 30.75
N PRO A 47 -25.10 -34.90 29.51
CA PRO A 47 -24.29 -34.22 28.47
C PRO A 47 -24.57 -32.73 28.33
N ILE A 48 -25.82 -32.33 28.20
CA ILE A 48 -26.13 -30.92 27.94
C ILE A 48 -27.28 -30.47 28.82
N GLY A 49 -27.05 -29.46 29.65
CA GLY A 49 -28.10 -28.71 30.30
C GLY A 49 -27.52 -27.43 30.85
N THR A 50 -28.37 -26.64 31.51
CA THR A 50 -27.87 -25.44 32.17
C THR A 50 -27.58 -25.73 33.66
N ASN A 51 -26.93 -24.76 34.31
CA ASN A 51 -26.73 -24.85 35.76
C ASN A 51 -28.07 -24.80 36.48
N ASN A 52 -28.95 -23.91 36.04
CA ASN A 52 -30.22 -23.70 36.71
C ASN A 52 -31.12 -24.93 36.59
N MET A 53 -31.10 -25.59 35.44
CA MET A 53 -31.83 -26.84 35.29
C MET A 53 -31.30 -27.90 36.24
N GLY A 54 -29.98 -27.93 36.42
CA GLY A 54 -29.37 -28.89 37.33
C GLY A 54 -29.78 -28.67 38.77
N GLU A 55 -29.72 -27.41 39.23
CA GLU A 55 -30.14 -27.06 40.58
C GLU A 55 -31.61 -27.39 40.82
N PHE A 56 -32.45 -27.11 39.82
CA PHE A 56 -33.88 -27.42 39.90
C PHE A 56 -34.13 -28.91 40.08
N LEU A 57 -33.43 -29.74 39.28
CA LEU A 57 -33.52 -31.19 39.45
C LEU A 57 -32.98 -31.61 40.81
N ALA A 58 -31.83 -31.06 41.21
CA ALA A 58 -31.23 -31.42 42.48
C ALA A 58 -32.19 -31.16 43.66
N ILE A 59 -32.87 -30.01 43.67
CA ILE A 59 -33.82 -29.72 44.74
C ILE A 59 -34.95 -30.75 44.75
N VAL A 60 -35.61 -30.94 43.60
CA VAL A 60 -36.76 -31.84 43.56
C VAL A 60 -36.33 -33.26 43.95
N HIS A 61 -35.15 -33.69 43.49
CA HIS A 61 -34.61 -35.00 43.85
C HIS A 61 -34.41 -35.14 45.36
N GLY A 62 -33.77 -34.14 45.98
CA GLY A 62 -33.67 -34.14 47.43
C GLY A 62 -35.02 -34.13 48.13
N LEU A 63 -35.98 -33.39 47.57
CA LEU A 63 -37.36 -33.41 48.09
C LEU A 63 -37.93 -34.82 48.05
N ARG A 64 -37.76 -35.50 46.92
CA ARG A 64 -38.24 -36.88 46.79
C ARG A 64 -37.50 -37.82 47.73
N TYR A 65 -36.20 -37.63 47.87
CA TYR A 65 -35.46 -38.50 48.77
C TYR A 65 -35.92 -38.29 50.21
N LEU A 66 -36.11 -37.04 50.64
CA LEU A 66 -36.45 -36.81 52.04
C LEU A 66 -37.88 -37.27 52.36
N LYS A 67 -38.82 -37.08 51.43
CA LYS A 67 -40.20 -37.52 51.64
C LYS A 67 -40.30 -39.04 51.70
N GLU A 68 -39.57 -39.74 50.81
CA GLU A 68 -39.50 -41.20 50.85
C GLU A 68 -39.10 -41.69 52.24
N ARG A 69 -38.33 -40.89 52.98
CA ARG A 69 -37.78 -41.28 54.27
C ARG A 69 -38.43 -40.58 55.46
N ASN A 70 -39.52 -39.84 55.25
CA ASN A 70 -40.17 -39.09 56.33
C ASN A 70 -39.14 -38.31 57.14
N SER A 71 -38.27 -37.60 56.44
CA SER A 71 -37.22 -36.89 57.13
C SER A 71 -37.73 -35.58 57.71
N ARG A 72 -36.98 -35.06 58.69
CA ARG A 72 -37.21 -33.73 59.23
C ARG A 72 -36.15 -32.73 58.76
N LYS A 73 -35.28 -33.17 57.87
CA LYS A 73 -34.18 -32.34 57.39
C LYS A 73 -34.68 -31.26 56.42
N PRO A 74 -34.37 -30.00 56.65
CA PRO A 74 -34.55 -29.00 55.61
C PRO A 74 -33.59 -29.30 54.47
N ILE A 75 -33.87 -28.71 53.30
CA ILE A 75 -32.98 -28.87 52.16
C ILE A 75 -32.41 -27.50 51.83
N TYR A 76 -31.11 -27.45 51.62
CA TYR A 76 -30.38 -26.22 51.37
C TYR A 76 -29.92 -26.16 49.92
N SER A 77 -30.02 -24.96 49.35
CA SER A 77 -29.57 -24.69 48.00
C SER A 77 -29.03 -23.27 47.98
N ASN A 78 -28.02 -23.02 47.14
CA ASN A 78 -27.46 -21.69 47.04
C ASN A 78 -27.95 -20.94 45.82
N SER A 79 -28.96 -21.48 45.13
CA SER A 79 -29.44 -20.96 43.86
C SER A 79 -30.80 -20.29 44.10
N GLN A 80 -30.75 -18.98 44.29
CA GLN A 80 -31.99 -18.23 44.42
C GLN A 80 -32.94 -18.49 43.24
N THR A 81 -32.41 -18.72 42.06
CA THR A 81 -33.28 -18.92 40.91
C THR A 81 -34.02 -20.24 40.99
N ALA A 82 -33.31 -21.33 41.32
CA ALA A 82 -33.93 -22.66 41.26
C ALA A 82 -34.94 -22.87 42.38
N ILE A 83 -34.67 -22.30 43.57
CA ILE A 83 -35.64 -22.28 44.66
C ILE A 83 -36.95 -21.64 44.19
N LYS A 84 -36.84 -20.48 43.54
CA LYS A 84 -38.04 -19.86 42.96
C LYS A 84 -38.72 -20.79 41.96
N TRP A 85 -37.94 -21.41 41.06
CA TRP A 85 -38.52 -22.32 40.09
C TRP A 85 -39.26 -23.45 40.78
N VAL A 86 -38.64 -24.04 41.81
CA VAL A 86 -39.27 -25.15 42.52
C VAL A 86 -40.57 -24.70 43.19
N LYS A 87 -40.55 -23.56 43.87
CA LYS A 87 -41.75 -23.06 44.53
C LYS A 87 -42.85 -22.69 43.53
N ASP A 88 -42.48 -22.22 42.34
CA ASP A 88 -43.48 -21.95 41.30
C ASP A 88 -43.92 -23.21 40.57
N LYS A 89 -43.34 -24.37 40.91
CA LYS A 89 -43.48 -25.62 40.15
C LYS A 89 -43.25 -25.42 38.64
N LYS A 90 -42.37 -24.49 38.25
CA LYS A 90 -42.10 -24.30 36.83
C LYS A 90 -40.68 -23.79 36.61
N ALA A 91 -39.91 -24.55 35.83
CA ALA A 91 -38.50 -24.22 35.55
C ALA A 91 -38.44 -23.34 34.30
N LYS A 92 -38.11 -22.06 34.49
CA LYS A 92 -38.23 -21.07 33.42
C LYS A 92 -36.93 -20.97 32.62
N SER A 93 -36.51 -22.10 32.05
CA SER A 93 -35.24 -22.19 31.34
C SER A 93 -35.37 -21.72 29.91
N THR A 94 -34.36 -21.00 29.44
CA THR A 94 -34.32 -20.54 28.04
C THR A 94 -33.71 -21.57 27.08
N LEU A 95 -33.23 -22.71 27.57
CA LEU A 95 -32.47 -23.63 26.74
C LEU A 95 -33.34 -24.27 25.67
N VAL A 96 -32.79 -24.35 24.45
CA VAL A 96 -33.55 -24.85 23.31
C VAL A 96 -33.95 -26.32 23.54
N ARG A 97 -35.00 -26.74 22.84
CA ARG A 97 -35.58 -28.07 22.96
C ARG A 97 -35.35 -28.85 21.67
N ASN A 98 -34.24 -29.58 21.60
CA ASN A 98 -33.92 -30.38 20.42
C ASN A 98 -33.58 -31.78 20.89
N GLU A 99 -32.95 -32.58 20.02
CA GLU A 99 -32.54 -33.92 20.42
C GLU A 99 -31.36 -33.87 21.39
N GLU A 100 -30.45 -32.91 21.20
CA GLU A 100 -29.32 -32.76 22.12
C GLU A 100 -29.80 -32.47 23.54
N THR A 101 -30.88 -31.70 23.69
CA THR A 101 -31.32 -31.27 25.01
C THR A 101 -32.50 -32.08 25.53
N ALA A 102 -32.85 -33.20 24.88
CA ALA A 102 -34.11 -33.87 25.20
C ALA A 102 -34.04 -34.62 26.54
N LEU A 103 -32.86 -35.07 26.95
CA LEU A 103 -32.76 -35.75 28.23
C LEU A 103 -33.01 -34.79 29.38
N ILE A 104 -32.26 -33.68 29.44
CA ILE A 104 -32.39 -32.72 30.53
C ILE A 104 -33.82 -32.17 30.58
N TRP A 105 -34.46 -31.98 29.41
CA TRP A 105 -35.81 -31.44 29.39
C TRP A 105 -36.84 -32.47 29.82
N LYS A 106 -36.64 -33.73 29.46
CA LYS A 106 -37.51 -34.79 29.97
C LYS A 106 -37.47 -34.84 31.49
N LEU A 107 -36.28 -34.69 32.09
CA LEU A 107 -36.15 -34.73 33.54
C LEU A 107 -36.75 -33.48 34.19
N VAL A 108 -36.65 -32.32 33.55
CA VAL A 108 -37.31 -31.13 34.08
C VAL A 108 -38.83 -31.28 34.01
N ASP A 109 -39.34 -31.77 32.89
CA ASP A 109 -40.78 -31.98 32.75
C ASP A 109 -41.32 -32.94 33.82
N GLU A 110 -40.64 -34.06 34.07
CA GLU A 110 -41.14 -35.02 35.06
C GLU A 110 -41.02 -34.46 36.48
N ALA A 111 -39.97 -33.67 36.76
CA ALA A 111 -39.87 -33.00 38.05
C ALA A 111 -41.00 -31.98 38.24
N GLU A 112 -41.28 -31.18 37.21
CA GLU A 112 -42.43 -30.28 37.29
C GLU A 112 -43.70 -31.09 37.53
N GLU A 113 -43.84 -32.24 36.87
CA GLU A 113 -45.03 -33.07 37.09
C GLU A 113 -45.10 -33.57 38.54
N TRP A 114 -43.96 -33.97 39.10
CA TRP A 114 -43.95 -34.40 40.49
C TRP A 114 -44.36 -33.25 41.44
N LEU A 115 -43.85 -32.04 41.23
CA LEU A 115 -44.24 -30.93 42.08
C LEU A 115 -45.73 -30.64 41.96
N ASN A 116 -46.31 -30.86 40.79
CA ASN A 116 -47.72 -30.58 40.59
C ASN A 116 -48.63 -31.64 41.19
N THR A 117 -48.07 -32.79 41.60
CA THR A 117 -48.90 -33.88 42.08
C THR A 117 -48.54 -34.32 43.49
N HIS A 118 -47.71 -33.56 44.21
CA HIS A 118 -47.24 -34.04 45.51
C HIS A 118 -47.10 -32.92 46.52
N THR A 119 -47.49 -33.22 47.76
CA THR A 119 -47.19 -32.37 48.90
C THR A 119 -45.84 -32.78 49.49
N TYR A 120 -45.30 -31.91 50.33
CA TYR A 120 -44.05 -32.19 51.02
C TYR A 120 -43.90 -31.13 52.11
N GLU A 121 -43.31 -31.53 53.24
CA GLU A 121 -43.18 -30.64 54.38
C GLU A 121 -41.76 -30.12 54.57
N THR A 122 -40.77 -30.72 53.91
CA THR A 122 -39.40 -30.23 53.83
C THR A 122 -39.38 -28.75 53.43
N PRO A 123 -38.91 -27.85 54.28
CA PRO A 123 -38.70 -26.47 53.84
C PRO A 123 -37.45 -26.38 52.96
N ILE A 124 -37.54 -25.57 51.91
CA ILE A 124 -36.41 -25.29 51.03
C ILE A 124 -35.76 -24.00 51.51
N LEU A 125 -34.50 -24.09 51.96
CA LEU A 125 -33.79 -22.96 52.58
C LEU A 125 -32.67 -22.46 51.68
N LYS A 126 -32.49 -21.15 51.68
CA LYS A 126 -31.36 -20.52 51.02
C LYS A 126 -30.06 -20.79 51.78
N TRP A 127 -29.05 -21.26 51.09
CA TRP A 127 -27.70 -21.32 51.65
C TRP A 127 -27.05 -19.97 51.38
N GLN A 128 -26.64 -19.28 52.44
CA GLN A 128 -26.01 -17.96 52.30
C GLN A 128 -24.50 -18.19 52.23
N THR A 129 -23.94 -18.14 51.02
CA THR A 129 -22.53 -18.47 50.87
C THR A 129 -21.64 -17.39 51.51
N ASP A 130 -21.96 -16.11 51.30
CA ASP A 130 -21.19 -14.99 51.84
C ASP A 130 -21.13 -14.99 53.37
N LYS A 131 -21.74 -15.97 54.00
CA LYS A 131 -21.89 -15.95 55.44
C LYS A 131 -21.45 -17.28 56.00
N TRP A 132 -21.55 -18.33 55.21
CA TRP A 132 -21.43 -19.68 55.74
C TRP A 132 -20.41 -20.51 54.99
N GLY A 133 -19.75 -19.94 53.99
CA GLY A 133 -18.79 -20.70 53.22
C GLY A 133 -19.47 -21.44 52.10
N GLU A 134 -18.70 -22.32 51.47
CA GLU A 134 -19.25 -23.14 50.41
C GLU A 134 -20.33 -24.04 50.98
N ILE A 135 -21.32 -24.34 50.15
CA ILE A 135 -22.31 -25.33 50.52
C ILE A 135 -21.62 -26.69 50.58
N LYS A 136 -22.03 -27.53 51.54
CA LYS A 136 -21.29 -28.77 51.79
C LYS A 136 -21.14 -29.62 50.53
N ALA A 137 -22.09 -29.52 49.60
CA ALA A 137 -22.12 -30.36 48.41
C ALA A 137 -21.35 -29.76 47.24
N ASP A 138 -20.53 -28.74 47.48
CA ASP A 138 -19.80 -28.08 46.40
C ASP A 138 -18.83 -29.05 45.74
N TYR A 139 -18.67 -28.91 44.44
CA TYR A 139 -17.86 -29.84 43.66
C TYR A 139 -16.38 -29.45 43.59
N GLY A 140 -16.07 -28.16 43.60
CA GLY A 140 -14.72 -27.69 43.35
C GLY A 140 -13.67 -28.25 44.29
N GLU B 8 -28.90 -3.74 12.98
CA GLU B 8 -28.40 -4.96 13.62
C GLU B 8 -26.90 -4.87 13.94
N ILE B 9 -26.17 -3.97 13.28
CA ILE B 9 -24.76 -3.83 13.59
C ILE B 9 -24.62 -3.18 14.95
N ILE B 10 -23.69 -3.71 15.76
CA ILE B 10 -23.30 -3.07 17.00
C ILE B 10 -21.89 -2.54 16.78
N TRP B 11 -21.77 -1.22 16.54
CA TRP B 11 -20.47 -0.63 16.24
C TRP B 11 -19.53 -0.66 17.45
N GLU B 12 -20.08 -0.64 18.66
CA GLU B 12 -19.26 -0.70 19.88
C GLU B 12 -18.95 -2.17 20.14
N SER B 13 -17.93 -2.67 19.46
CA SER B 13 -17.61 -4.09 19.50
C SER B 13 -16.22 -4.31 18.93
N LEU B 14 -15.86 -5.56 18.83
CA LEU B 14 -14.54 -5.97 18.39
C LEU B 14 -14.73 -7.00 17.28
N SER B 15 -13.93 -6.86 16.22
CA SER B 15 -14.04 -7.68 15.01
C SER B 15 -12.74 -8.43 14.80
N VAL B 16 -12.83 -9.74 14.54
CA VAL B 16 -11.66 -10.56 14.26
C VAL B 16 -11.77 -11.19 12.87
N ASP B 17 -10.62 -11.45 12.28
CA ASP B 17 -10.52 -12.15 11.00
C ASP B 17 -9.12 -12.70 10.84
N VAL B 18 -9.03 -13.73 10.02
CA VAL B 18 -7.82 -14.47 9.74
C VAL B 18 -7.21 -13.96 8.44
N GLY B 19 -5.88 -13.89 8.40
CA GLY B 19 -5.14 -13.83 7.15
C GLY B 19 -4.39 -15.14 6.96
N SER B 20 -4.49 -15.70 5.75
CA SER B 20 -3.73 -16.91 5.45
C SER B 20 -3.22 -16.89 4.02
N GLN B 21 -2.09 -17.56 3.83
CA GLN B 21 -1.45 -17.76 2.53
C GLN B 21 -1.87 -19.07 1.88
N GLY B 22 -2.26 -20.05 2.68
CA GLY B 22 -2.83 -21.27 2.18
C GLY B 22 -3.64 -21.90 3.28
N ASN B 23 -4.55 -22.79 2.90
CA ASN B 23 -5.39 -23.51 3.84
C ASN B 23 -5.30 -24.97 3.42
N PRO B 24 -4.39 -25.76 4.03
CA PRO B 24 -3.49 -25.44 5.14
C PRO B 24 -2.30 -24.58 4.76
N GLY B 25 -1.82 -23.74 5.68
CA GLY B 25 -0.72 -22.86 5.38
C GLY B 25 -0.34 -21.86 6.46
N ILE B 26 0.23 -20.75 6.01
CA ILE B 26 0.67 -19.67 6.90
C ILE B 26 -0.58 -18.93 7.34
N VAL B 27 -0.82 -18.86 8.64
CA VAL B 27 -2.05 -18.32 9.19
C VAL B 27 -1.71 -17.29 10.25
N GLU B 28 -2.39 -16.15 10.18
CA GLU B 28 -2.30 -15.11 11.18
C GLU B 28 -3.70 -14.55 11.42
N TYR B 29 -3.83 -13.71 12.43
CA TYR B 29 -5.12 -13.08 12.71
C TYR B 29 -4.87 -11.77 13.46
N LYS B 30 -5.94 -10.99 13.60
CA LYS B 30 -5.87 -9.76 14.36
C LYS B 30 -7.27 -9.37 14.79
N GLY B 31 -7.34 -8.49 15.77
CA GLY B 31 -8.60 -7.96 16.26
C GLY B 31 -8.62 -6.46 16.08
N VAL B 32 -9.79 -5.93 15.73
CA VAL B 32 -9.89 -4.52 15.38
C VAL B 32 -11.08 -3.89 16.09
N ASP B 33 -10.93 -2.62 16.43
CA ASP B 33 -12.02 -1.88 17.03
C ASP B 33 -13.03 -1.59 15.93
N THR B 34 -14.22 -2.21 16.02
CA THR B 34 -15.20 -2.09 14.95
C THR B 34 -15.57 -0.63 14.70
N LYS B 35 -15.72 0.15 15.77
CA LYS B 35 -16.15 1.53 15.57
C LYS B 35 -15.00 2.40 15.07
N THR B 36 -13.81 2.20 15.63
CA THR B 36 -12.66 3.05 15.40
C THR B 36 -11.69 2.52 14.33
N GLY B 37 -11.72 1.21 14.04
CA GLY B 37 -10.81 0.64 13.06
C GLY B 37 -9.43 0.31 13.56
N GLU B 38 -9.06 0.74 14.76
CA GLU B 38 -7.74 0.44 15.28
C GLU B 38 -7.54 -1.06 15.49
N VAL B 39 -6.29 -1.50 15.35
CA VAL B 39 -5.91 -2.87 15.63
C VAL B 39 -5.67 -3.01 17.12
N LEU B 40 -6.40 -3.93 17.77
CA LEU B 40 -6.30 -4.14 19.22
C LEU B 40 -5.35 -5.27 19.58
N PHE B 41 -5.26 -6.28 18.73
CA PHE B 41 -4.26 -7.32 18.91
C PHE B 41 -3.94 -7.94 17.56
N GLU B 42 -2.87 -8.72 17.54
CA GLU B 42 -2.29 -9.18 16.28
C GLU B 42 -1.43 -10.39 16.56
N ARG B 43 -1.61 -11.45 15.78
CA ARG B 43 -0.85 -12.68 15.97
C ARG B 43 0.21 -12.81 14.89
N GLU B 44 1.45 -13.01 15.31
CA GLU B 44 2.53 -13.27 14.39
C GLU B 44 2.18 -14.47 13.51
N PRO B 45 2.54 -14.46 12.23
CA PRO B 45 2.22 -15.59 11.36
C PRO B 45 2.63 -16.94 11.94
N ILE B 46 1.73 -17.90 11.87
CA ILE B 46 1.98 -19.26 12.34
C ILE B 46 2.34 -20.09 11.12
N PRO B 47 3.48 -20.78 11.11
CA PRO B 47 3.93 -21.41 9.86
C PRO B 47 2.89 -22.32 9.20
N ILE B 48 2.25 -23.23 9.94
CA ILE B 48 1.30 -24.16 9.36
C ILE B 48 0.03 -24.21 10.22
N GLY B 49 -1.12 -23.93 9.59
CA GLY B 49 -2.39 -24.10 10.25
C GLY B 49 -3.52 -24.15 9.25
N THR B 50 -4.75 -24.10 9.78
CA THR B 50 -5.95 -23.93 8.96
C THR B 50 -6.62 -22.61 9.31
N ASN B 51 -7.50 -22.15 8.39
CA ASN B 51 -8.24 -20.92 8.60
C ASN B 51 -9.18 -21.07 9.79
N ASN B 52 -9.92 -22.17 9.81
CA ASN B 52 -10.81 -22.47 10.92
C ASN B 52 -10.08 -22.45 12.25
N MET B 53 -8.85 -22.99 12.28
CA MET B 53 -8.06 -22.94 13.50
C MET B 53 -7.67 -21.51 13.81
N GLY B 54 -7.15 -20.80 12.80
CA GLY B 54 -6.91 -19.38 12.98
C GLY B 54 -8.12 -18.69 13.56
N GLU B 55 -9.29 -18.92 12.94
CA GLU B 55 -10.52 -18.23 13.35
C GLU B 55 -10.90 -18.57 14.78
N PHE B 56 -10.66 -19.82 15.20
CA PHE B 56 -10.94 -20.23 16.58
C PHE B 56 -10.10 -19.43 17.57
N LEU B 57 -8.77 -19.38 17.36
CA LEU B 57 -7.87 -18.67 18.26
C LEU B 57 -8.16 -17.17 18.32
N ALA B 58 -8.53 -16.58 17.17
CA ALA B 58 -8.79 -15.15 17.14
C ALA B 58 -10.00 -14.79 18.01
N ILE B 59 -11.05 -15.63 17.99
CA ILE B 59 -12.19 -15.38 18.87
C ILE B 59 -11.80 -15.51 20.32
N VAL B 60 -11.11 -16.61 20.67
CA VAL B 60 -10.69 -16.83 22.05
C VAL B 60 -9.72 -15.74 22.48
N HIS B 61 -8.80 -15.35 21.61
CA HIS B 61 -7.98 -14.18 21.92
C HIS B 61 -8.86 -12.98 22.29
N GLY B 62 -9.80 -12.61 21.42
CA GLY B 62 -10.69 -11.51 21.71
C GLY B 62 -11.46 -11.67 23.00
N LEU B 63 -11.87 -12.90 23.32
CA LEU B 63 -12.59 -13.14 24.58
C LEU B 63 -11.71 -12.83 25.78
N ARG B 64 -10.42 -13.21 25.73
CA ARG B 64 -9.53 -12.94 26.85
C ARG B 64 -9.19 -11.46 26.94
N TYR B 65 -8.97 -10.82 25.78
CA TYR B 65 -8.71 -9.39 25.74
C TYR B 65 -9.86 -8.60 26.36
N LEU B 66 -11.09 -8.92 25.96
CA LEU B 66 -12.26 -8.22 26.49
C LEU B 66 -12.45 -8.51 27.98
N LYS B 67 -12.24 -9.77 28.39
CA LYS B 67 -12.41 -10.13 29.79
C LYS B 67 -11.37 -9.44 30.67
N GLU B 68 -10.11 -9.40 30.22
CA GLU B 68 -9.07 -8.69 30.94
C GLU B 68 -9.48 -7.26 31.24
N ARG B 69 -10.22 -6.65 30.31
CA ARG B 69 -10.56 -5.24 30.39
C ARG B 69 -11.99 -5.03 30.88
N ASN B 70 -12.65 -6.07 31.37
CA ASN B 70 -14.01 -5.98 31.85
C ASN B 70 -14.94 -5.29 30.84
N SER B 71 -14.63 -5.43 29.56
CA SER B 71 -15.51 -4.90 28.52
C SER B 71 -16.73 -5.80 28.37
N ARG B 72 -17.82 -5.20 27.91
CA ARG B 72 -19.01 -5.97 27.58
C ARG B 72 -19.29 -5.98 26.08
N LYS B 73 -18.37 -5.46 25.27
CA LYS B 73 -18.60 -5.41 23.85
C LYS B 73 -18.67 -6.83 23.25
N PRO B 74 -19.51 -7.05 22.24
CA PRO B 74 -19.53 -8.36 21.57
C PRO B 74 -18.34 -8.52 20.64
N ILE B 75 -18.20 -9.75 20.14
CA ILE B 75 -17.21 -10.10 19.15
C ILE B 75 -17.94 -10.45 17.86
N TYR B 76 -17.45 -9.91 16.74
CA TYR B 76 -17.93 -10.24 15.41
C TYR B 76 -16.90 -11.13 14.71
N SER B 77 -17.37 -12.26 14.17
CA SER B 77 -16.55 -13.13 13.35
C SER B 77 -17.39 -13.61 12.18
N ASN B 78 -16.77 -13.75 11.00
CA ASN B 78 -17.52 -14.22 9.85
C ASN B 78 -17.37 -15.71 9.65
N SER B 79 -16.87 -16.42 10.66
CA SER B 79 -16.61 -17.86 10.56
C SER B 79 -17.67 -18.60 11.37
N GLN B 80 -18.71 -19.07 10.69
CA GLN B 80 -19.74 -19.80 11.40
C GLN B 80 -19.19 -21.08 11.99
N THR B 81 -18.23 -21.70 11.30
CA THR B 81 -17.57 -22.88 11.85
C THR B 81 -16.91 -22.56 13.19
N ALA B 82 -16.12 -21.49 13.23
CA ALA B 82 -15.34 -21.19 14.44
C ALA B 82 -16.25 -20.70 15.57
N ILE B 83 -17.28 -19.91 15.24
CA ILE B 83 -18.25 -19.53 16.25
C ILE B 83 -18.80 -20.76 16.93
N LYS B 84 -19.15 -21.78 16.12
CA LYS B 84 -19.68 -23.03 16.66
C LYS B 84 -18.64 -23.75 17.51
N TRP B 85 -17.40 -23.85 17.02
CA TRP B 85 -16.35 -24.52 17.81
C TRP B 85 -16.16 -23.85 19.16
N VAL B 86 -16.23 -22.51 19.21
CA VAL B 86 -16.05 -21.87 20.51
C VAL B 86 -17.24 -22.16 21.42
N LYS B 87 -18.46 -22.16 20.89
CA LYS B 87 -19.60 -22.43 21.75
C LYS B 87 -19.57 -23.88 22.25
N ASP B 88 -19.08 -24.81 21.42
CA ASP B 88 -18.89 -26.20 21.81
C ASP B 88 -17.68 -26.44 22.69
N LYS B 89 -16.77 -25.47 22.81
CA LYS B 89 -15.45 -25.61 23.43
C LYS B 89 -14.59 -26.69 22.77
N LYS B 90 -14.88 -27.03 21.51
CA LYS B 90 -14.12 -28.07 20.82
C LYS B 90 -13.82 -27.61 19.40
N ALA B 91 -12.54 -27.57 19.06
CA ALA B 91 -12.13 -27.19 17.72
C ALA B 91 -11.96 -28.47 16.92
N LYS B 92 -12.93 -28.73 16.04
CA LYS B 92 -13.02 -29.96 15.25
C LYS B 92 -12.17 -29.91 13.99
N SER B 93 -10.90 -29.53 14.12
CA SER B 93 -10.02 -29.54 12.97
C SER B 93 -9.61 -30.97 12.63
N THR B 94 -9.46 -31.24 11.34
CA THR B 94 -8.96 -32.53 10.90
C THR B 94 -7.49 -32.45 10.50
N LEU B 95 -6.83 -31.33 10.81
CA LEU B 95 -5.43 -31.16 10.48
C LEU B 95 -4.57 -32.08 11.33
N VAL B 96 -3.74 -32.91 10.67
CA VAL B 96 -2.93 -33.91 11.36
C VAL B 96 -2.05 -33.26 12.41
N ARG B 97 -1.92 -33.94 13.57
CA ARG B 97 -1.00 -33.55 14.63
C ARG B 97 0.36 -34.19 14.35
N ASN B 98 1.39 -33.37 14.21
CA ASN B 98 2.73 -33.89 13.99
C ASN B 98 3.73 -32.80 14.34
N GLU B 99 5.00 -33.03 13.99
CA GLU B 99 6.04 -32.06 14.34
C GLU B 99 5.76 -30.70 13.71
N GLU B 100 5.40 -30.66 12.42
CA GLU B 100 5.22 -29.40 11.73
C GLU B 100 3.96 -28.66 12.17
N THR B 101 3.03 -29.34 12.87
CA THR B 101 1.76 -28.73 13.27
C THR B 101 1.63 -28.65 14.79
N ALA B 102 2.71 -28.88 15.53
CA ALA B 102 2.62 -28.93 16.99
C ALA B 102 2.23 -27.59 17.59
N LEU B 103 2.66 -26.49 16.97
CA LEU B 103 2.47 -25.16 17.56
C LEU B 103 1.00 -24.74 17.52
N ILE B 104 0.38 -24.73 16.32
CA ILE B 104 -1.03 -24.38 16.17
C ILE B 104 -1.91 -25.31 17.03
N TRP B 105 -1.60 -26.60 17.05
CA TRP B 105 -2.36 -27.50 17.91
C TRP B 105 -2.13 -27.20 19.39
N LYS B 106 -0.93 -26.77 19.77
CA LYS B 106 -0.72 -26.38 21.16
C LYS B 106 -1.55 -25.15 21.52
N LEU B 107 -1.62 -24.17 20.63
CA LEU B 107 -2.46 -23.00 20.87
C LEU B 107 -3.95 -23.39 20.86
N VAL B 108 -4.38 -24.21 19.90
CA VAL B 108 -5.79 -24.61 19.90
C VAL B 108 -6.11 -25.35 21.21
N ASP B 109 -5.19 -26.23 21.62
CA ASP B 109 -5.38 -26.98 22.85
C ASP B 109 -5.49 -26.04 24.05
N GLU B 110 -4.60 -25.04 24.13
CA GLU B 110 -4.66 -24.11 25.25
C GLU B 110 -5.89 -23.21 25.17
N ALA B 111 -6.40 -22.94 23.97
CA ALA B 111 -7.61 -22.13 23.84
C ALA B 111 -8.84 -22.89 24.33
N GLU B 112 -8.95 -24.17 23.98
CA GLU B 112 -10.02 -25.00 24.52
C GLU B 112 -9.95 -25.06 26.04
N GLU B 113 -8.76 -25.36 26.58
CA GLU B 113 -8.55 -25.33 28.02
C GLU B 113 -9.02 -24.03 28.65
N TRP B 114 -8.71 -22.89 28.01
CA TRP B 114 -9.16 -21.62 28.57
C TRP B 114 -10.69 -21.54 28.62
N LEU B 115 -11.36 -22.06 27.59
CA LEU B 115 -12.82 -21.99 27.53
C LEU B 115 -13.45 -22.90 28.56
N ASN B 116 -12.81 -24.04 28.85
CA ASN B 116 -13.29 -24.96 29.86
C ASN B 116 -13.10 -24.46 31.28
N THR B 117 -12.32 -23.39 31.50
CA THR B 117 -11.99 -22.95 32.85
C THR B 117 -12.24 -21.46 33.05
N HIS B 118 -13.08 -20.83 32.22
CA HIS B 118 -13.42 -19.44 32.43
C HIS B 118 -14.86 -19.19 32.05
N THR B 119 -15.44 -18.18 32.70
CA THR B 119 -16.70 -17.61 32.30
C THR B 119 -16.47 -16.34 31.50
N TYR B 120 -17.19 -16.19 30.41
CA TYR B 120 -17.28 -14.94 29.68
C TYR B 120 -18.74 -14.64 29.42
N GLU B 121 -19.06 -13.35 29.29
CA GLU B 121 -20.39 -12.95 28.87
C GLU B 121 -20.41 -12.30 27.50
N THR B 122 -19.25 -12.19 26.84
CA THR B 122 -19.17 -11.57 25.53
C THR B 122 -20.05 -12.32 24.53
N PRO B 123 -21.05 -11.67 23.95
CA PRO B 123 -21.79 -12.30 22.85
C PRO B 123 -20.85 -12.52 21.68
N ILE B 124 -20.89 -13.72 21.12
CA ILE B 124 -20.13 -14.03 19.92
C ILE B 124 -21.08 -13.94 18.74
N LEU B 125 -20.92 -12.92 17.90
CA LEU B 125 -21.88 -12.62 16.83
C LEU B 125 -21.28 -12.87 15.46
N LYS B 126 -22.15 -13.30 14.56
CA LYS B 126 -21.77 -13.61 13.19
C LYS B 126 -21.83 -12.33 12.33
N TRP B 127 -20.70 -11.97 11.72
CA TRP B 127 -20.67 -10.84 10.82
C TRP B 127 -21.33 -11.23 9.49
N GLN B 128 -22.40 -10.51 9.13
CA GLN B 128 -23.13 -10.75 7.89
C GLN B 128 -22.43 -9.99 6.77
N THR B 129 -21.50 -10.68 6.12
CA THR B 129 -20.72 -10.07 5.05
C THR B 129 -21.62 -9.68 3.89
N ASP B 130 -22.55 -10.57 3.54
CA ASP B 130 -23.34 -10.33 2.33
C ASP B 130 -24.35 -9.26 2.52
N LYS B 131 -24.20 -8.54 3.61
CA LYS B 131 -25.21 -7.59 4.06
C LYS B 131 -24.61 -6.35 4.72
N TRP B 132 -23.40 -6.42 5.28
CA TRP B 132 -22.76 -5.29 5.95
C TRP B 132 -21.41 -4.94 5.34
N GLY B 133 -21.00 -5.58 4.27
CA GLY B 133 -19.69 -5.34 3.74
C GLY B 133 -18.66 -6.16 4.48
N GLU B 134 -17.40 -5.85 4.21
CA GLU B 134 -16.36 -6.68 4.75
C GLU B 134 -16.15 -6.40 6.22
N ILE B 135 -15.84 -7.46 6.96
CA ILE B 135 -15.48 -7.32 8.36
C ILE B 135 -14.27 -6.40 8.45
N LYS B 136 -14.23 -5.61 9.50
CA LYS B 136 -13.22 -4.57 9.55
C LYS B 136 -11.86 -5.13 9.96
N ALA B 137 -11.80 -6.41 10.34
CA ALA B 137 -10.54 -7.10 10.54
C ALA B 137 -9.98 -7.70 9.25
N ASP B 138 -10.70 -7.55 8.13
CA ASP B 138 -10.28 -8.11 6.85
C ASP B 138 -8.84 -7.76 6.51
N TYR B 139 -8.09 -8.75 6.05
CA TYR B 139 -6.71 -8.49 5.65
C TYR B 139 -6.61 -7.87 4.26
N GLY B 140 -7.70 -7.84 3.50
CA GLY B 140 -7.73 -7.20 2.20
C GLY B 140 -6.65 -7.64 1.25
N GLU C 8 -31.87 -1.17 -30.24
CA GLU C 8 -30.54 -1.33 -29.67
C GLU C 8 -30.53 -2.08 -28.35
N ILE C 9 -31.65 -2.69 -27.97
CA ILE C 9 -31.67 -3.50 -26.76
C ILE C 9 -30.70 -4.67 -26.90
N ILE C 10 -29.79 -4.81 -25.94
CA ILE C 10 -28.95 -6.00 -25.81
C ILE C 10 -29.64 -6.91 -24.80
N TRP C 11 -30.33 -7.94 -25.30
CA TRP C 11 -31.21 -8.74 -24.43
C TRP C 11 -30.42 -9.57 -23.43
N GLU C 12 -29.26 -10.07 -23.84
CA GLU C 12 -28.38 -10.87 -22.99
C GLU C 12 -27.59 -9.92 -22.11
N SER C 13 -28.26 -9.37 -21.11
CA SER C 13 -27.61 -8.37 -20.29
C SER C 13 -28.12 -8.48 -18.87
N LEU C 14 -27.68 -7.56 -18.03
CA LEU C 14 -28.13 -7.48 -16.67
C LEU C 14 -28.74 -6.12 -16.42
N SER C 15 -29.87 -6.09 -15.74
CA SER C 15 -30.53 -4.84 -15.38
C SER C 15 -30.58 -4.74 -13.86
N VAL C 16 -30.32 -3.54 -13.35
CA VAL C 16 -30.39 -3.28 -11.92
C VAL C 16 -31.59 -2.40 -11.61
N ASP C 17 -32.28 -2.72 -10.51
CA ASP C 17 -33.41 -1.94 -10.03
C ASP C 17 -33.27 -1.80 -8.51
N VAL C 18 -33.72 -0.68 -7.97
CA VAL C 18 -33.70 -0.44 -6.54
C VAL C 18 -35.07 -0.01 -6.06
N GLY C 19 -35.40 -0.43 -4.85
CA GLY C 19 -36.65 -0.05 -4.21
C GLY C 19 -36.38 0.65 -2.90
N SER C 20 -37.33 1.48 -2.49
CA SER C 20 -37.19 2.38 -1.36
C SER C 20 -38.42 2.34 -0.49
N GLN C 21 -38.22 2.54 0.81
CA GLN C 21 -39.29 2.95 1.70
C GLN C 21 -38.83 4.27 2.30
N GLY C 22 -39.22 5.37 1.68
CA GLY C 22 -38.75 6.68 2.08
C GLY C 22 -37.38 7.00 1.50
N ASN C 23 -37.15 8.29 1.17
CA ASN C 23 -35.88 8.76 0.63
C ASN C 23 -35.52 10.14 1.20
N PRO C 24 -34.50 10.22 2.09
CA PRO C 24 -33.69 9.13 2.63
C PRO C 24 -34.51 8.12 3.40
N GLY C 25 -34.20 6.83 3.27
CA GLY C 25 -34.93 5.80 3.99
C GLY C 25 -34.32 4.43 3.75
N ILE C 26 -35.15 3.40 3.93
CA ILE C 26 -34.76 2.02 3.67
C ILE C 26 -34.57 1.84 2.16
N VAL C 27 -33.44 1.27 1.75
CA VAL C 27 -33.16 1.05 0.33
C VAL C 27 -32.67 -0.38 0.13
N GLU C 28 -33.13 -1.01 -0.96
CA GLU C 28 -32.56 -2.27 -1.40
C GLU C 28 -32.45 -2.25 -2.93
N TYR C 29 -31.77 -3.26 -3.47
CA TYR C 29 -31.58 -3.34 -4.90
C TYR C 29 -31.48 -4.80 -5.33
N LYS C 30 -31.59 -5.01 -6.63
CA LYS C 30 -31.40 -6.33 -7.20
C LYS C 30 -30.88 -6.15 -8.62
N GLY C 31 -30.17 -7.17 -9.08
CA GLY C 31 -29.81 -7.32 -10.48
C GLY C 31 -30.53 -8.54 -11.04
N VAL C 32 -31.18 -8.35 -12.18
CA VAL C 32 -31.94 -9.42 -12.80
C VAL C 32 -31.50 -9.62 -14.23
N ASP C 33 -31.85 -10.80 -14.79
CA ASP C 33 -31.64 -11.06 -16.21
C ASP C 33 -32.59 -10.21 -17.03
N THR C 34 -32.04 -9.43 -17.98
CA THR C 34 -32.86 -8.54 -18.80
C THR C 34 -33.92 -9.31 -19.58
N LYS C 35 -33.57 -10.49 -20.11
CA LYS C 35 -34.50 -11.27 -20.89
C LYS C 35 -35.51 -12.00 -20.00
N THR C 36 -35.03 -12.81 -19.07
CA THR C 36 -35.95 -13.63 -18.28
C THR C 36 -36.47 -12.94 -17.03
N GLY C 37 -35.75 -11.98 -16.46
CA GLY C 37 -36.16 -11.41 -15.19
C GLY C 37 -35.66 -12.16 -13.97
N GLU C 38 -34.97 -13.28 -14.17
CA GLU C 38 -34.44 -14.06 -13.05
C GLU C 38 -33.57 -13.17 -12.17
N VAL C 39 -33.79 -13.24 -10.86
CA VAL C 39 -32.98 -12.46 -9.93
C VAL C 39 -31.60 -13.11 -9.83
N LEU C 40 -30.57 -12.35 -10.19
CA LEU C 40 -29.20 -12.85 -10.19
C LEU C 40 -28.43 -12.47 -8.94
N PHE C 41 -28.69 -11.30 -8.37
CA PHE C 41 -28.13 -10.95 -7.07
C PHE C 41 -29.06 -9.98 -6.38
N GLU C 42 -28.76 -9.73 -5.12
CA GLU C 42 -29.66 -9.00 -4.26
C GLU C 42 -28.88 -8.44 -3.08
N ARG C 43 -29.50 -7.47 -2.41
CA ARG C 43 -29.02 -6.97 -1.12
C ARG C 43 -30.25 -6.76 -0.25
N GLU C 44 -30.17 -7.18 1.00
CA GLU C 44 -31.27 -6.95 1.90
C GLU C 44 -31.33 -5.49 2.30
N PRO C 45 -32.52 -5.00 2.63
CA PRO C 45 -32.68 -3.57 2.92
C PRO C 45 -31.59 -2.96 3.81
N ILE C 46 -31.14 -1.77 3.44
CA ILE C 46 -30.22 -0.98 4.25
C ILE C 46 -31.05 0.06 4.99
N PRO C 47 -30.97 0.13 6.33
CA PRO C 47 -31.93 0.95 7.10
C PRO C 47 -32.06 2.39 6.63
N ILE C 48 -30.97 3.07 6.30
CA ILE C 48 -31.08 4.46 5.88
C ILE C 48 -30.13 4.70 4.72
N GLY C 49 -30.67 5.16 3.60
CA GLY C 49 -29.83 5.59 2.50
C GLY C 49 -30.63 6.46 1.59
N THR C 50 -30.06 6.75 0.43
CA THR C 50 -30.80 7.37 -0.66
C THR C 50 -30.92 6.34 -1.79
N ASN C 51 -31.94 6.51 -2.64
CA ASN C 51 -32.02 5.52 -3.71
C ASN C 51 -30.92 5.74 -4.74
N ASN C 52 -30.35 6.95 -4.80
CA ASN C 52 -29.22 7.20 -5.68
C ASN C 52 -27.98 6.38 -5.26
N MET C 53 -27.65 6.36 -3.95
CA MET C 53 -26.59 5.44 -3.50
C MET C 53 -26.96 4.00 -3.78
N GLY C 54 -28.22 3.62 -3.53
CA GLY C 54 -28.67 2.30 -3.93
C GLY C 54 -28.38 2.01 -5.40
N GLU C 55 -28.58 3.00 -6.26
CA GLU C 55 -28.29 2.82 -7.68
C GLU C 55 -26.80 2.60 -7.92
N PHE C 56 -25.96 3.45 -7.32
CA PHE C 56 -24.51 3.26 -7.32
C PHE C 56 -24.11 1.86 -6.82
N LEU C 57 -24.52 1.50 -5.60
CA LEU C 57 -24.12 0.20 -5.05
C LEU C 57 -24.53 -0.96 -5.95
N ALA C 58 -25.68 -0.84 -6.64
CA ALA C 58 -26.18 -1.96 -7.44
C ALA C 58 -25.31 -2.18 -8.67
N ILE C 59 -24.99 -1.11 -9.39
CA ILE C 59 -24.05 -1.19 -10.52
C ILE C 59 -22.74 -1.85 -10.11
N VAL C 60 -22.07 -1.32 -9.07
CA VAL C 60 -20.79 -1.90 -8.63
C VAL C 60 -20.98 -3.38 -8.25
N HIS C 61 -22.07 -3.70 -7.55
CA HIS C 61 -22.35 -5.09 -7.25
C HIS C 61 -22.48 -5.91 -8.54
N GLY C 62 -23.10 -5.33 -9.57
CA GLY C 62 -23.21 -6.03 -10.84
C GLY C 62 -21.86 -6.24 -11.49
N LEU C 63 -20.98 -5.23 -11.40
CA LEU C 63 -19.64 -5.34 -11.95
C LEU C 63 -18.85 -6.46 -11.29
N ARG C 64 -18.88 -6.54 -9.96
CA ARG C 64 -18.20 -7.65 -9.29
C ARG C 64 -18.78 -8.98 -9.74
N TYR C 65 -20.10 -9.10 -9.70
CA TYR C 65 -20.74 -10.36 -10.04
C TYR C 65 -20.39 -10.80 -11.47
N LEU C 66 -20.34 -9.85 -12.40
CA LEU C 66 -20.10 -10.23 -13.79
C LEU C 66 -18.61 -10.47 -14.04
N LYS C 67 -17.72 -9.73 -13.36
CA LYS C 67 -16.29 -9.97 -13.47
C LYS C 67 -15.91 -11.36 -12.96
N GLU C 68 -16.43 -11.73 -11.78
CA GLU C 68 -16.27 -13.08 -11.24
C GLU C 68 -16.57 -14.15 -12.29
N ARG C 69 -17.68 -13.99 -12.99
CA ARG C 69 -18.10 -14.99 -13.97
C ARG C 69 -17.54 -14.73 -15.37
N ASN C 70 -16.65 -13.77 -15.53
CA ASN C 70 -16.04 -13.47 -16.83
C ASN C 70 -17.09 -13.30 -17.90
N SER C 71 -18.16 -12.57 -17.57
CA SER C 71 -19.34 -12.48 -18.38
C SER C 71 -19.19 -11.44 -19.47
N ARG C 72 -19.91 -11.64 -20.59
CA ARG C 72 -19.99 -10.65 -21.66
C ARG C 72 -21.18 -9.70 -21.54
N LYS C 73 -22.01 -9.84 -20.53
CA LYS C 73 -23.23 -9.04 -20.43
C LYS C 73 -22.91 -7.59 -20.07
N PRO C 74 -23.48 -6.61 -20.77
CA PRO C 74 -23.51 -5.24 -20.23
C PRO C 74 -24.45 -5.15 -19.03
N ILE C 75 -24.35 -4.04 -18.31
CA ILE C 75 -25.25 -3.70 -17.21
C ILE C 75 -26.09 -2.53 -17.66
N TYR C 76 -27.41 -2.65 -17.48
CA TYR C 76 -28.35 -1.56 -17.72
C TYR C 76 -28.78 -0.99 -16.39
N SER C 77 -28.75 0.34 -16.28
CA SER C 77 -29.25 1.06 -15.13
C SER C 77 -30.09 2.23 -15.62
N ASN C 78 -31.08 2.61 -14.82
CA ASN C 78 -32.00 3.69 -15.14
C ASN C 78 -31.60 5.01 -14.50
N SER C 79 -30.44 5.08 -13.88
CA SER C 79 -30.02 6.23 -13.12
C SER C 79 -28.80 6.81 -13.81
N GLN C 80 -28.99 7.93 -14.51
CA GLN C 80 -27.85 8.68 -15.01
C GLN C 80 -26.92 9.14 -13.88
N THR C 81 -27.49 9.56 -12.75
CA THR C 81 -26.63 9.93 -11.61
C THR C 81 -25.67 8.82 -11.23
N ALA C 82 -26.18 7.61 -10.94
CA ALA C 82 -25.32 6.53 -10.48
C ALA C 82 -24.29 6.12 -11.54
N ILE C 83 -24.65 6.20 -12.82
CA ILE C 83 -23.71 5.86 -13.87
C ILE C 83 -22.54 6.84 -13.87
N LYS C 84 -22.83 8.14 -13.73
CA LYS C 84 -21.75 9.12 -13.63
C LYS C 84 -20.87 8.83 -12.41
N TRP C 85 -21.49 8.57 -11.25
CA TRP C 85 -20.75 8.26 -10.03
C TRP C 85 -19.77 7.11 -10.24
N VAL C 86 -20.22 6.04 -10.89
CA VAL C 86 -19.37 4.87 -11.11
C VAL C 86 -18.22 5.21 -12.04
N LYS C 87 -18.48 6.00 -13.09
CA LYS C 87 -17.41 6.39 -14.00
C LYS C 87 -16.44 7.36 -13.35
N ASP C 88 -16.90 8.20 -12.40
CA ASP C 88 -16.00 9.03 -11.61
C ASP C 88 -15.39 8.27 -10.42
N LYS C 89 -15.79 7.02 -10.19
CA LYS C 89 -15.38 6.28 -8.98
C LYS C 89 -15.64 7.08 -7.70
N LYS C 90 -16.77 7.80 -7.66
CA LYS C 90 -17.07 8.67 -6.52
C LYS C 90 -18.58 8.88 -6.44
N ALA C 91 -19.21 8.33 -5.43
CA ALA C 91 -20.62 8.61 -5.15
C ALA C 91 -20.73 10.01 -4.54
N LYS C 92 -21.13 11.00 -5.34
CA LYS C 92 -21.21 12.38 -4.87
C LYS C 92 -22.56 12.65 -4.20
N SER C 93 -22.78 11.96 -3.08
CA SER C 93 -24.01 12.09 -2.32
C SER C 93 -23.79 13.09 -1.18
N THR C 94 -24.86 13.81 -0.82
CA THR C 94 -24.84 14.84 0.21
C THR C 94 -25.45 14.33 1.52
N LEU C 95 -25.77 13.05 1.60
CA LEU C 95 -26.32 12.46 2.81
C LEU C 95 -25.31 12.55 3.93
N VAL C 96 -25.79 12.97 5.12
CA VAL C 96 -24.91 13.10 6.27
C VAL C 96 -24.24 11.78 6.59
N ARG C 97 -22.95 11.85 6.92
CA ARG C 97 -22.23 10.74 7.53
C ARG C 97 -22.39 10.85 9.03
N ASN C 98 -23.18 9.97 9.61
CA ASN C 98 -23.18 9.80 11.06
C ASN C 98 -23.57 8.35 11.34
N GLU C 99 -23.56 8.00 12.63
CA GLU C 99 -23.73 6.59 13.01
C GLU C 99 -25.02 6.02 12.47
N GLU C 100 -26.05 6.84 12.29
CA GLU C 100 -27.30 6.33 11.75
C GLU C 100 -27.12 5.89 10.30
N THR C 101 -26.32 6.63 9.51
CA THR C 101 -26.11 6.29 8.10
C THR C 101 -24.78 5.57 7.88
N ALA C 102 -24.22 4.98 8.94
CA ALA C 102 -22.85 4.48 8.87
C ALA C 102 -22.73 3.31 7.89
N LEU C 103 -23.73 2.42 7.87
CA LEU C 103 -23.66 1.24 7.01
C LEU C 103 -23.65 1.62 5.54
N ILE C 104 -24.55 2.52 5.14
CA ILE C 104 -24.65 2.92 3.74
C ILE C 104 -23.34 3.57 3.31
N TRP C 105 -22.74 4.38 4.18
CA TRP C 105 -21.47 5.01 3.81
C TRP C 105 -20.32 4.01 3.87
N LYS C 106 -20.34 3.06 4.81
CA LYS C 106 -19.33 2.02 4.78
C LYS C 106 -19.38 1.31 3.44
N LEU C 107 -20.60 0.93 3.01
CA LEU C 107 -20.83 0.21 1.77
C LEU C 107 -20.39 1.02 0.53
N VAL C 108 -20.58 2.34 0.56
CA VAL C 108 -20.19 3.19 -0.57
C VAL C 108 -18.68 3.37 -0.63
N ASP C 109 -18.04 3.55 0.53
CA ASP C 109 -16.58 3.60 0.59
C ASP C 109 -15.96 2.33 0.03
N GLU C 110 -16.55 1.18 0.38
CA GLU C 110 -15.97 -0.09 -0.04
C GLU C 110 -16.14 -0.30 -1.54
N ALA C 111 -17.27 0.16 -2.10
CA ALA C 111 -17.49 0.03 -3.55
C ALA C 111 -16.60 0.99 -4.32
N GLU C 112 -16.43 2.22 -3.82
CA GLU C 112 -15.49 3.17 -4.39
C GLU C 112 -14.07 2.62 -4.37
N GLU C 113 -13.70 1.93 -3.29
CA GLU C 113 -12.37 1.34 -3.20
C GLU C 113 -12.21 0.20 -4.19
N TRP C 114 -13.27 -0.59 -4.38
CA TRP C 114 -13.23 -1.63 -5.41
C TRP C 114 -12.98 -1.03 -6.79
N LEU C 115 -13.71 0.05 -7.10
CA LEU C 115 -13.60 0.70 -8.38
C LEU C 115 -12.22 1.29 -8.59
N ASN C 116 -11.54 1.65 -7.49
CA ASN C 116 -10.22 2.25 -7.50
C ASN C 116 -9.13 1.24 -7.76
N THR C 117 -9.41 -0.04 -7.60
CA THR C 117 -8.42 -1.10 -7.64
C THR C 117 -8.78 -2.20 -8.64
N HIS C 118 -9.77 -1.98 -9.52
CA HIS C 118 -10.18 -3.03 -10.45
C HIS C 118 -10.48 -2.49 -11.83
N THR C 119 -9.99 -3.20 -12.82
CA THR C 119 -10.41 -3.05 -14.20
C THR C 119 -11.62 -3.95 -14.46
N TYR C 120 -12.38 -3.58 -15.48
CA TYR C 120 -13.53 -4.37 -15.87
C TYR C 120 -13.87 -3.98 -17.29
N GLU C 121 -14.48 -4.90 -18.02
CA GLU C 121 -14.80 -4.66 -19.41
C GLU C 121 -16.29 -4.53 -19.64
N THR C 122 -17.09 -4.84 -18.64
CA THR C 122 -18.54 -4.77 -18.73
C THR C 122 -18.97 -3.33 -19.03
N PRO C 123 -19.60 -3.07 -20.16
CA PRO C 123 -20.11 -1.70 -20.41
C PRO C 123 -21.38 -1.41 -19.60
N ILE C 124 -21.50 -0.17 -19.17
CA ILE C 124 -22.59 0.29 -18.31
C ILE C 124 -23.46 1.23 -19.14
N LEU C 125 -24.69 0.81 -19.42
CA LEU C 125 -25.53 1.54 -20.35
C LEU C 125 -26.78 2.08 -19.67
N LYS C 126 -27.18 3.27 -20.07
CA LYS C 126 -28.47 3.80 -19.65
C LYS C 126 -29.59 3.06 -20.39
N TRP C 127 -30.50 2.46 -19.63
CA TRP C 127 -31.73 1.95 -20.21
C TRP C 127 -32.55 3.11 -20.77
N GLN C 128 -32.93 3.03 -22.04
CA GLN C 128 -33.60 4.13 -22.69
C GLN C 128 -35.12 3.89 -22.60
N THR C 129 -35.70 4.32 -21.48
CA THR C 129 -37.11 4.07 -21.19
C THR C 129 -38.02 4.61 -22.29
N ASP C 130 -37.70 5.80 -22.84
CA ASP C 130 -38.57 6.41 -23.84
C ASP C 130 -38.71 5.54 -25.08
N LYS C 131 -37.67 4.79 -25.43
CA LYS C 131 -37.69 3.96 -26.64
C LYS C 131 -38.06 2.51 -26.39
N TRP C 132 -37.70 1.97 -25.21
CA TRP C 132 -37.78 0.54 -24.98
C TRP C 132 -38.78 0.12 -23.92
N GLY C 133 -39.39 1.07 -23.21
CA GLY C 133 -40.36 0.70 -22.19
C GLY C 133 -39.71 0.42 -20.85
N GLU C 134 -40.40 -0.38 -20.05
CA GLU C 134 -39.99 -0.60 -18.66
C GLU C 134 -38.70 -1.40 -18.58
N ILE C 135 -37.79 -0.95 -17.70
CA ILE C 135 -36.60 -1.73 -17.35
C ILE C 135 -37.03 -2.99 -16.60
N LYS C 136 -36.35 -4.11 -16.85
CA LYS C 136 -36.75 -5.39 -16.30
C LYS C 136 -36.60 -5.38 -14.77
N ALA C 137 -37.69 -5.68 -14.05
CA ALA C 137 -37.66 -5.60 -12.59
C ALA C 137 -38.55 -6.63 -11.90
N GLU D 8 29.02 -3.74 24.98
CA GLU D 8 28.92 -2.40 25.56
C GLU D 8 29.23 -1.31 24.53
N ILE D 9 29.62 -1.76 23.32
CA ILE D 9 29.75 -0.85 22.18
C ILE D 9 28.41 -0.19 21.90
N ILE D 10 28.45 1.10 21.57
CA ILE D 10 27.30 1.82 21.05
C ILE D 10 27.55 1.96 19.55
N TRP D 11 26.84 1.16 18.76
CA TRP D 11 27.11 1.13 17.33
C TRP D 11 26.70 2.41 16.65
N GLU D 12 25.63 3.05 17.13
CA GLU D 12 25.18 4.34 16.62
C GLU D 12 26.02 5.44 17.27
N SER D 13 27.13 5.77 16.64
CA SER D 13 28.17 6.55 17.29
C SER D 13 29.22 6.92 16.25
N LEU D 14 30.17 7.71 16.71
CA LEU D 14 31.18 8.29 15.85
C LEU D 14 32.55 7.97 16.45
N SER D 15 33.48 7.56 15.62
CA SER D 15 34.83 7.22 16.04
C SER D 15 35.81 8.14 15.34
N VAL D 16 36.79 8.62 16.08
CA VAL D 16 37.76 9.55 15.49
C VAL D 16 39.06 8.79 15.23
N ASP D 17 39.76 9.20 14.17
CA ASP D 17 41.15 8.80 14.07
C ASP D 17 41.96 9.83 13.30
N VAL D 18 43.23 9.89 13.64
CA VAL D 18 44.14 10.85 13.01
C VAL D 18 45.27 10.08 12.36
N GLY D 19 45.83 10.67 11.33
CA GLY D 19 46.98 10.12 10.66
C GLY D 19 48.06 11.17 10.63
N SER D 20 49.28 10.74 10.92
CA SER D 20 50.41 11.65 10.92
C SER D 20 51.38 11.28 9.80
N GLN D 21 52.13 12.30 9.35
CA GLN D 21 53.32 12.15 8.52
C GLN D 21 54.41 12.88 9.30
N GLY D 22 54.99 12.19 10.27
CA GLY D 22 55.97 12.80 11.15
C GLY D 22 55.36 13.37 12.42
N ASN D 23 56.04 13.17 13.55
CA ASN D 23 55.51 13.70 14.80
C ASN D 23 56.62 14.30 15.67
N PRO D 24 56.58 15.63 15.89
CA PRO D 24 55.67 16.60 15.29
C PRO D 24 55.81 16.64 13.78
N GLY D 25 54.77 17.05 13.10
CA GLY D 25 54.77 17.02 11.66
C GLY D 25 53.38 17.19 11.15
N ILE D 26 53.06 16.48 10.07
CA ILE D 26 51.80 16.66 9.37
C ILE D 26 50.69 15.91 10.10
N VAL D 27 49.58 16.61 10.37
CA VAL D 27 48.45 16.04 11.10
C VAL D 27 47.21 16.14 10.24
N GLU D 28 46.42 15.07 10.19
CA GLU D 28 45.05 15.16 9.71
C GLU D 28 44.14 14.24 10.54
N TYR D 29 42.86 14.57 10.59
CA TYR D 29 41.94 13.71 11.33
C TYR D 29 40.66 13.49 10.52
N LYS D 30 39.88 12.53 11.00
CA LYS D 30 38.63 12.14 10.39
C LYS D 30 37.68 11.70 11.49
N GLY D 31 36.39 11.97 11.29
CA GLY D 31 35.33 11.36 12.07
C GLY D 31 34.50 10.47 11.17
N VAL D 32 34.36 9.20 11.59
CA VAL D 32 33.75 8.18 10.76
C VAL D 32 32.65 7.46 11.51
N ASP D 33 31.70 6.92 10.74
CA ASP D 33 30.60 6.18 11.34
C ASP D 33 31.11 4.85 11.90
N THR D 34 30.80 4.58 13.17
CA THR D 34 31.33 3.37 13.83
C THR D 34 30.84 2.08 13.15
N LYS D 35 29.61 2.09 12.63
CA LYS D 35 29.06 0.93 11.92
C LYS D 35 29.66 0.78 10.53
N THR D 36 29.57 1.84 9.72
CA THR D 36 29.94 1.72 8.30
C THR D 36 31.38 2.10 8.02
N GLY D 37 32.02 2.86 8.89
CA GLY D 37 33.33 3.36 8.55
C GLY D 37 33.33 4.49 7.55
N GLU D 38 32.16 4.94 7.09
CA GLU D 38 32.07 6.10 6.22
C GLU D 38 32.48 7.36 6.96
N VAL D 39 33.22 8.23 6.26
CA VAL D 39 33.74 9.48 6.81
C VAL D 39 32.62 10.51 6.93
N LEU D 40 32.40 11.01 8.14
CA LEU D 40 31.36 11.98 8.43
C LEU D 40 31.89 13.42 8.46
N PHE D 41 33.12 13.63 8.91
CA PHE D 41 33.75 14.93 8.72
C PHE D 41 35.23 14.71 8.53
N GLU D 42 35.89 15.76 8.07
CA GLU D 42 37.21 15.66 7.47
C GLU D 42 37.82 17.05 7.54
N ARG D 43 39.13 17.12 7.30
CA ARG D 43 39.78 18.43 7.25
C ARG D 43 41.12 18.28 6.56
N GLU D 44 41.64 19.40 6.07
CA GLU D 44 42.87 19.39 5.31
C GLU D 44 44.05 19.11 6.24
N PRO D 45 45.08 18.41 5.76
CA PRO D 45 46.24 18.14 6.62
C PRO D 45 46.81 19.44 7.17
N ILE D 46 47.23 19.40 8.43
CA ILE D 46 47.83 20.55 9.09
C ILE D 46 49.34 20.37 9.05
N PRO D 47 50.10 21.30 8.48
CA PRO D 47 51.52 21.03 8.16
C PRO D 47 52.40 20.77 9.38
N ILE D 48 52.08 21.32 10.55
CA ILE D 48 52.90 21.06 11.73
C ILE D 48 52.03 21.00 12.98
N GLY D 49 52.05 19.86 13.67
CA GLY D 49 51.32 19.64 14.91
C GLY D 49 51.74 18.31 15.49
N THR D 50 51.13 17.92 16.60
CA THR D 50 51.29 16.58 17.12
C THR D 50 50.02 15.77 16.85
N ASN D 51 50.16 14.43 16.81
CA ASN D 51 48.93 13.64 16.65
C ASN D 51 48.03 13.74 17.89
N ASN D 52 48.60 13.98 19.07
CA ASN D 52 47.78 14.26 20.26
C ASN D 52 46.95 15.53 20.06
N MET D 53 47.51 16.57 19.46
CA MET D 53 46.72 17.75 19.18
C MET D 53 45.59 17.41 18.23
N GLY D 54 45.94 16.79 17.08
CA GLY D 54 44.93 16.24 16.19
C GLY D 54 43.87 15.42 16.88
N GLU D 55 44.25 14.57 17.84
CA GLU D 55 43.22 13.78 18.52
C GLU D 55 42.29 14.69 19.28
N PHE D 56 42.84 15.75 19.89
CA PHE D 56 42.04 16.71 20.64
C PHE D 56 41.13 17.52 19.72
N LEU D 57 41.65 18.00 18.58
CA LEU D 57 40.83 18.75 17.64
C LEU D 57 39.73 17.88 17.02
N ALA D 58 39.98 16.59 16.83
CA ALA D 58 38.98 15.76 16.19
C ALA D 58 37.77 15.56 17.11
N ILE D 59 38.01 15.38 18.41
CA ILE D 59 36.88 15.28 19.34
C ILE D 59 36.04 16.55 19.31
N VAL D 60 36.68 17.71 19.42
CA VAL D 60 35.92 18.96 19.45
C VAL D 60 35.24 19.22 18.11
N HIS D 61 35.91 18.90 16.99
CA HIS D 61 35.21 18.90 15.71
C HIS D 61 34.00 17.96 15.76
N GLY D 62 34.18 16.77 16.31
CA GLY D 62 33.06 15.87 16.52
C GLY D 62 31.96 16.48 17.36
N LEU D 63 32.32 17.18 18.44
CA LEU D 63 31.30 17.82 19.28
C LEU D 63 30.53 18.88 18.51
N ARG D 64 31.25 19.68 17.71
CA ARG D 64 30.60 20.71 16.90
C ARG D 64 29.71 20.10 15.83
N TYR D 65 30.13 18.97 15.26
CA TYR D 65 29.36 18.36 14.18
C TYR D 65 28.09 17.72 14.71
N LEU D 66 28.18 17.04 15.87
CA LEU D 66 26.99 16.39 16.41
C LEU D 66 26.00 17.42 16.93
N LYS D 67 26.49 18.50 17.54
CA LYS D 67 25.59 19.50 18.10
C LYS D 67 24.81 20.19 16.99
N GLU D 68 25.48 20.53 15.89
CA GLU D 68 24.82 21.09 14.72
C GLU D 68 23.65 20.21 14.29
N ARG D 69 23.94 18.94 14.00
CA ARG D 69 22.95 17.94 13.60
C ARG D 69 21.97 17.57 14.73
N ASN D 70 22.15 18.12 15.93
CA ASN D 70 21.29 17.81 17.07
C ASN D 70 21.34 16.33 17.45
N SER D 71 22.51 15.71 17.29
CA SER D 71 22.64 14.27 17.46
C SER D 71 23.01 13.92 18.89
N ARG D 72 22.61 12.72 19.30
CA ARG D 72 22.94 12.19 20.61
C ARG D 72 23.97 11.07 20.54
N LYS D 73 24.47 10.77 19.35
CA LYS D 73 25.51 9.75 19.18
C LYS D 73 26.70 10.07 20.09
N PRO D 74 27.24 9.08 20.81
CA PRO D 74 28.50 9.31 21.52
C PRO D 74 29.67 9.39 20.55
N ILE D 75 30.80 9.87 21.07
CA ILE D 75 32.07 9.90 20.34
C ILE D 75 33.03 8.91 20.98
N TYR D 76 33.59 8.01 20.18
CA TYR D 76 34.73 7.18 20.60
C TYR D 76 36.05 7.79 20.13
N SER D 77 36.98 7.94 21.08
CA SER D 77 38.37 8.26 20.84
C SER D 77 39.25 7.10 21.33
N ASN D 78 40.39 6.90 20.66
CA ASN D 78 41.43 5.98 21.13
C ASN D 78 42.50 6.69 21.98
N SER D 79 42.35 7.97 22.25
CA SER D 79 43.38 8.75 22.91
C SER D 79 42.87 9.19 24.27
N GLN D 80 43.31 8.49 25.33
CA GLN D 80 42.99 8.93 26.67
C GLN D 80 43.53 10.34 26.96
N THR D 81 44.70 10.68 26.40
CA THR D 81 45.21 12.03 26.60
C THR D 81 44.26 13.09 26.03
N ALA D 82 43.80 12.90 24.78
CA ALA D 82 42.95 13.90 24.17
C ALA D 82 41.62 13.99 24.90
N ILE D 83 41.08 12.85 25.36
CA ILE D 83 39.82 12.85 26.09
C ILE D 83 39.96 13.64 27.39
N LYS D 84 41.03 13.37 28.15
CA LYS D 84 41.38 14.22 29.29
C LYS D 84 41.43 15.69 28.87
N TRP D 85 42.21 16.02 27.83
CA TRP D 85 42.34 17.41 27.39
C TRP D 85 40.99 18.06 27.13
N VAL D 86 40.07 17.34 26.50
CA VAL D 86 38.73 17.86 26.27
C VAL D 86 37.99 18.01 27.59
N LYS D 87 38.09 16.99 28.45
CA LYS D 87 37.46 17.04 29.77
C LYS D 87 37.91 18.27 30.54
N ASP D 88 39.22 18.51 30.59
CA ASP D 88 39.77 19.67 31.28
C ASP D 88 39.60 20.96 30.49
N LYS D 89 39.18 20.88 29.23
CA LYS D 89 39.11 22.05 28.35
C LYS D 89 40.46 22.76 28.26
N LYS D 90 41.55 22.00 28.38
CA LYS D 90 42.90 22.53 28.24
C LYS D 90 43.75 21.46 27.56
N ALA D 91 44.29 21.79 26.39
CA ALA D 91 45.16 20.84 25.70
C ALA D 91 46.57 21.04 26.26
N LYS D 92 47.00 20.12 27.12
CA LYS D 92 48.30 20.22 27.80
C LYS D 92 49.45 19.75 26.90
N SER D 93 49.57 20.38 25.73
CA SER D 93 50.64 20.10 24.78
C SER D 93 51.84 20.99 25.06
N THR D 94 53.04 20.46 24.83
CA THR D 94 54.25 21.26 24.99
C THR D 94 54.92 21.55 23.66
N LEU D 95 54.18 21.42 22.57
CA LEU D 95 54.67 21.89 21.29
C LEU D 95 54.91 23.38 21.38
N VAL D 96 56.08 23.82 20.93
CA VAL D 96 56.42 25.22 21.04
C VAL D 96 55.44 26.10 20.25
N ARG D 97 55.31 27.34 20.67
CA ARG D 97 54.55 28.35 19.95
C ARG D 97 55.54 29.20 19.15
N ASN D 98 55.52 29.04 17.83
CA ASN D 98 56.27 29.94 16.97
C ASN D 98 55.50 30.10 15.65
N GLU D 99 56.14 30.69 14.65
CA GLU D 99 55.40 30.91 13.42
C GLU D 99 55.14 29.61 12.66
N GLU D 100 55.96 28.59 12.87
CA GLU D 100 55.71 27.27 12.29
C GLU D 100 54.51 26.58 12.93
N THR D 101 54.24 26.83 14.21
CA THR D 101 53.18 26.16 14.95
C THR D 101 52.00 27.08 15.21
N ALA D 102 51.98 28.25 14.58
CA ALA D 102 50.94 29.23 14.85
C ALA D 102 49.56 28.70 14.46
N LEU D 103 49.48 27.95 13.37
CA LEU D 103 48.19 27.48 12.87
C LEU D 103 47.60 26.42 13.79
N ILE D 104 48.38 25.39 14.14
CA ILE D 104 47.83 24.35 15.02
C ILE D 104 47.41 24.97 16.36
N TRP D 105 48.26 25.82 16.95
CA TRP D 105 47.96 26.42 18.24
C TRP D 105 46.76 27.35 18.15
N LYS D 106 46.51 27.91 16.96
CA LYS D 106 45.30 28.71 16.74
C LYS D 106 44.06 27.82 16.77
N LEU D 107 44.11 26.69 16.05
CA LEU D 107 43.03 25.71 16.10
C LEU D 107 42.79 25.22 17.53
N VAL D 108 43.86 24.92 18.26
CA VAL D 108 43.72 24.42 19.63
C VAL D 108 43.10 25.50 20.53
N ASP D 109 43.62 26.73 20.45
CA ASP D 109 43.11 27.79 21.31
C ASP D 109 41.63 28.01 21.04
N GLU D 110 41.24 28.00 19.76
CA GLU D 110 39.83 28.20 19.42
C GLU D 110 38.98 27.03 19.89
N ALA D 111 39.53 25.81 19.84
CA ALA D 111 38.75 24.64 20.26
C ALA D 111 38.55 24.64 21.78
N GLU D 112 39.56 25.07 22.53
CA GLU D 112 39.39 25.36 23.94
C GLU D 112 38.34 26.44 24.15
N GLU D 113 38.41 27.52 23.36
CA GLU D 113 37.46 28.61 23.53
C GLU D 113 36.04 28.15 23.24
N TRP D 114 35.87 27.30 22.22
CA TRP D 114 34.56 26.73 21.96
C TRP D 114 34.08 25.89 23.16
N LEU D 115 34.98 25.14 23.78
CA LEU D 115 34.58 24.27 24.88
C LEU D 115 34.16 25.08 26.10
N ASN D 116 34.85 26.20 26.36
CA ASN D 116 34.54 27.03 27.52
C ASN D 116 33.19 27.73 27.40
N THR D 117 32.70 27.89 26.17
CA THR D 117 31.53 28.73 25.90
C THR D 117 30.35 27.96 25.33
N HIS D 118 30.39 26.63 25.30
CA HIS D 118 29.27 25.85 24.80
C HIS D 118 28.96 24.68 25.73
N THR D 119 27.73 24.21 25.69
CA THR D 119 27.38 22.94 26.34
C THR D 119 27.19 21.86 25.29
N TYR D 120 27.49 20.63 25.69
CA TYR D 120 27.27 19.46 24.86
C TYR D 120 26.84 18.32 25.77
N GLU D 121 26.01 17.43 25.23
CA GLU D 121 25.59 16.24 25.95
C GLU D 121 26.34 15.00 25.51
N THR D 122 27.12 15.11 24.44
CA THR D 122 27.80 14.00 23.77
C THR D 122 28.70 13.23 24.73
N PRO D 123 28.44 11.96 25.00
CA PRO D 123 29.38 11.17 25.79
C PRO D 123 30.65 10.90 24.99
N ILE D 124 31.80 11.04 25.64
CA ILE D 124 33.12 10.95 25.01
C ILE D 124 33.83 9.75 25.64
N LEU D 125 33.89 8.65 24.90
CA LEU D 125 34.29 7.35 25.43
C LEU D 125 35.59 6.87 24.82
N LYS D 126 36.46 6.35 25.68
CA LYS D 126 37.60 5.56 25.24
C LYS D 126 37.11 4.29 24.56
N TRP D 127 37.47 4.10 23.28
CA TRP D 127 37.33 2.80 22.63
C TRP D 127 38.15 1.73 23.34
N GLN D 128 37.52 0.59 23.64
CA GLN D 128 38.18 -0.51 24.37
C GLN D 128 38.76 -1.51 23.38
N THR D 129 40.00 -1.25 22.95
CA THR D 129 40.64 -2.11 21.95
C THR D 129 40.74 -3.56 22.43
N ASP D 130 41.21 -3.78 23.65
CA ASP D 130 41.39 -5.15 24.13
C ASP D 130 40.06 -5.89 24.26
N LYS D 131 38.94 -5.18 24.33
CA LYS D 131 37.65 -5.88 24.35
C LYS D 131 37.01 -5.97 22.97
N TRP D 132 37.14 -4.93 22.15
CA TRP D 132 36.30 -4.80 20.97
C TRP D 132 37.04 -4.87 19.66
N GLY D 133 38.34 -5.09 19.66
CA GLY D 133 39.10 -5.00 18.43
C GLY D 133 39.35 -3.57 17.98
N GLU D 134 39.84 -3.46 16.75
CA GLU D 134 40.26 -2.18 16.19
C GLU D 134 39.16 -1.13 16.27
N ILE D 135 39.56 0.11 16.57
CA ILE D 135 38.66 1.23 16.38
C ILE D 135 38.34 1.33 14.90
N LYS D 136 37.08 1.65 14.57
CA LYS D 136 36.65 1.58 13.19
C LYS D 136 37.59 2.34 12.28
N ALA D 137 37.65 3.64 12.46
CA ALA D 137 38.67 4.51 11.88
C ALA D 137 39.35 4.00 10.59
N GLU E 8 14.59 -16.42 -26.36
CA GLU E 8 13.51 -15.71 -27.04
C GLU E 8 13.08 -14.42 -26.31
N ILE E 9 12.90 -14.45 -24.99
CA ILE E 9 12.59 -13.20 -24.27
C ILE E 9 13.76 -12.23 -24.41
N ILE E 10 13.45 -10.97 -24.68
CA ILE E 10 14.43 -9.89 -24.67
C ILE E 10 14.13 -9.06 -23.43
N TRP E 11 14.91 -9.27 -22.38
CA TRP E 11 14.62 -8.61 -21.11
C TRP E 11 14.80 -7.12 -21.21
N GLU E 12 15.69 -6.67 -22.08
CA GLU E 12 16.00 -5.24 -22.24
C GLU E 12 14.99 -4.67 -23.23
N SER E 13 13.77 -4.50 -22.75
CA SER E 13 12.63 -4.22 -23.60
C SER E 13 11.55 -3.48 -22.82
N LEU E 14 10.59 -2.96 -23.56
CA LEU E 14 9.40 -2.31 -23.02
C LEU E 14 8.17 -3.19 -23.23
N SER E 15 7.31 -3.26 -22.22
CA SER E 15 6.02 -3.96 -22.31
C SER E 15 4.91 -2.94 -22.07
N VAL E 16 3.85 -2.97 -22.91
CA VAL E 16 2.72 -2.07 -22.72
C VAL E 16 1.52 -2.77 -22.10
N ASP E 17 0.73 -1.98 -21.36
CA ASP E 17 -0.33 -2.46 -20.49
C ASP E 17 -1.52 -1.53 -20.63
N VAL E 18 -2.69 -2.07 -20.97
CA VAL E 18 -3.91 -1.28 -21.09
C VAL E 18 -4.82 -1.59 -19.91
N GLY E 19 -5.42 -0.55 -19.35
CA GLY E 19 -6.41 -0.70 -18.29
C GLY E 19 -7.73 -0.12 -18.71
N SER E 20 -8.81 -0.89 -18.54
CA SER E 20 -10.13 -0.51 -18.99
C SER E 20 -11.13 -0.54 -17.84
N GLN E 21 -12.10 0.37 -17.88
CA GLN E 21 -13.28 0.32 -16.99
C GLN E 21 -14.49 0.49 -17.90
N GLY E 22 -15.04 -0.64 -18.33
CA GLY E 22 -16.05 -0.62 -19.36
C GLY E 22 -15.43 -0.64 -20.74
N ASN E 23 -15.95 -1.48 -21.63
CA ASN E 23 -15.56 -1.47 -23.04
C ASN E 23 -16.78 -1.51 -23.93
N PRO E 24 -17.03 -0.47 -24.75
CA PRO E 24 -16.32 0.83 -24.79
C PRO E 24 -16.40 1.53 -23.43
N GLY E 25 -15.45 2.39 -23.06
CA GLY E 25 -15.43 2.93 -21.72
C GLY E 25 -14.09 3.60 -21.41
N ILE E 26 -13.81 3.76 -20.12
CA ILE E 26 -12.59 4.43 -19.71
C ILE E 26 -11.39 3.56 -20.06
N VAL E 27 -10.42 4.15 -20.75
CA VAL E 27 -9.20 3.45 -21.17
C VAL E 27 -7.98 4.26 -20.73
N GLU E 28 -6.99 3.57 -20.16
CA GLU E 28 -5.69 4.14 -19.85
C GLU E 28 -4.62 3.10 -20.17
N TYR E 29 -3.36 3.55 -20.33
CA TYR E 29 -2.28 2.60 -20.59
C TYR E 29 -0.99 3.05 -19.92
N LYS E 30 -0.04 2.12 -19.87
CA LYS E 30 1.30 2.36 -19.35
C LYS E 30 2.29 1.55 -20.17
N GLY E 31 3.52 2.06 -20.26
CA GLY E 31 4.67 1.29 -20.69
C GLY E 31 5.56 1.02 -19.49
N VAL E 32 5.95 -0.24 -19.31
CA VAL E 32 6.75 -0.62 -18.17
C VAL E 32 8.01 -1.33 -18.64
N ASP E 33 9.04 -1.27 -17.81
CA ASP E 33 10.29 -1.98 -18.04
C ASP E 33 10.05 -3.48 -17.94
N THR E 34 10.39 -4.23 -18.98
CA THR E 34 10.06 -5.65 -18.98
C THR E 34 10.74 -6.36 -17.82
N LYS E 35 11.95 -5.94 -17.46
CA LYS E 35 12.66 -6.62 -16.37
C LYS E 35 12.12 -6.18 -15.01
N THR E 36 12.29 -4.91 -14.65
CA THR E 36 11.97 -4.45 -13.31
C THR E 36 10.50 -4.19 -13.11
N GLY E 37 9.73 -4.02 -14.18
CA GLY E 37 8.33 -3.69 -14.04
C GLY E 37 8.03 -2.27 -13.61
N GLU E 38 9.03 -1.38 -13.60
CA GLU E 38 8.77 0.00 -13.23
C GLU E 38 8.20 0.77 -14.42
N VAL E 39 7.40 1.78 -14.11
CA VAL E 39 6.64 2.50 -15.12
C VAL E 39 7.55 3.52 -15.82
N LEU E 40 7.52 3.51 -17.15
CA LEU E 40 8.28 4.47 -17.95
C LEU E 40 7.41 5.57 -18.52
N PHE E 41 6.15 5.27 -18.83
CA PHE E 41 5.23 6.28 -19.30
C PHE E 41 3.83 5.77 -19.02
N GLU E 42 2.90 6.71 -19.00
CA GLU E 42 1.51 6.44 -18.68
C GLU E 42 0.71 7.66 -19.12
N ARG E 43 -0.57 7.46 -19.39
CA ARG E 43 -1.43 8.58 -19.71
C ARG E 43 -2.70 8.54 -18.88
N GLU E 44 -3.23 9.74 -18.60
CA GLU E 44 -4.51 9.95 -17.93
C GLU E 44 -5.61 9.12 -18.54
N PRO E 45 -6.54 8.60 -17.74
CA PRO E 45 -7.62 7.79 -18.31
C PRO E 45 -8.39 8.58 -19.36
N ILE E 46 -8.75 7.90 -20.45
CA ILE E 46 -9.54 8.51 -21.52
C ILE E 46 -11.00 8.13 -21.30
N PRO E 47 -11.92 9.08 -21.19
CA PRO E 47 -13.31 8.76 -20.81
C PRO E 47 -14.01 7.71 -21.68
N ILE E 48 -13.79 7.72 -22.98
CA ILE E 48 -14.50 6.79 -23.85
C ILE E 48 -13.53 6.27 -24.88
N GLY E 49 -13.38 4.96 -24.97
CA GLY E 49 -12.55 4.35 -25.99
C GLY E 49 -12.74 2.86 -25.94
N THR E 50 -12.06 2.16 -26.83
CA THR E 50 -11.95 0.71 -26.73
C THR E 50 -10.57 0.36 -26.20
N ASN E 51 -10.47 -0.79 -25.55
CA ASN E 51 -9.15 -1.22 -25.10
C ASN E 51 -8.25 -1.54 -26.29
N ASN E 52 -8.83 -1.96 -27.43
CA ASN E 52 -8.02 -2.13 -28.63
C ASN E 52 -7.39 -0.83 -29.09
N MET E 53 -8.15 0.27 -29.08
CA MET E 53 -7.53 1.55 -29.39
C MET E 53 -6.50 1.92 -28.35
N GLY E 54 -6.80 1.63 -27.08
CA GLY E 54 -5.80 1.77 -26.03
C GLY E 54 -4.50 1.06 -26.35
N GLU E 55 -4.59 -0.22 -26.81
CA GLU E 55 -3.38 -0.99 -27.14
C GLU E 55 -2.65 -0.39 -28.33
N PHE E 56 -3.39 0.13 -29.30
CA PHE E 56 -2.79 0.83 -30.43
C PHE E 56 -2.02 2.06 -29.95
N LEU E 57 -2.64 2.86 -29.09
CA LEU E 57 -2.04 4.11 -28.65
C LEU E 57 -0.85 3.85 -27.74
N ALA E 58 -0.86 2.74 -27.00
CA ALA E 58 0.23 2.48 -26.10
C ALA E 58 1.47 2.06 -26.90
N ILE E 59 1.30 1.38 -28.02
CA ILE E 59 2.47 1.02 -28.82
C ILE E 59 3.08 2.27 -29.43
N VAL E 60 2.23 3.13 -30.04
CA VAL E 60 2.76 4.31 -30.69
C VAL E 60 3.43 5.22 -29.67
N HIS E 61 2.83 5.35 -28.49
CA HIS E 61 3.46 6.13 -27.43
C HIS E 61 4.83 5.58 -27.08
N GLY E 62 4.95 4.25 -27.01
CA GLY E 62 6.26 3.64 -26.82
C GLY E 62 7.22 3.95 -27.95
N LEU E 63 6.77 3.80 -29.20
CA LEU E 63 7.59 4.17 -30.35
C LEU E 63 8.19 5.55 -30.19
N ARG E 64 7.36 6.54 -29.82
CA ARG E 64 7.84 7.90 -29.64
C ARG E 64 8.78 7.99 -28.44
N TYR E 65 8.38 7.35 -27.33
CA TYR E 65 9.24 7.31 -26.15
C TYR E 65 10.61 6.74 -26.49
N LEU E 66 10.64 5.64 -27.24
CA LEU E 66 11.91 4.97 -27.52
C LEU E 66 12.76 5.79 -28.48
N LYS E 67 12.15 6.37 -29.52
CA LYS E 67 12.91 7.16 -30.48
C LYS E 67 13.55 8.37 -29.83
N GLU E 68 12.80 9.07 -28.97
CA GLU E 68 13.33 10.24 -28.28
C GLU E 68 14.60 9.92 -27.51
N ARG E 69 14.70 8.70 -27.01
CA ARG E 69 15.86 8.27 -26.24
C ARG E 69 16.85 7.50 -27.10
N ASN E 70 16.62 7.45 -28.41
CA ASN E 70 17.55 6.78 -29.30
C ASN E 70 17.82 5.36 -28.82
N SER E 71 16.76 4.70 -28.35
CA SER E 71 16.85 3.36 -27.78
C SER E 71 16.57 2.29 -28.84
N ARG E 72 17.27 1.18 -28.73
CA ARG E 72 17.10 0.03 -29.61
C ARG E 72 16.09 -0.99 -29.07
N LYS E 73 15.70 -0.86 -27.80
CA LYS E 73 14.85 -1.84 -27.14
C LYS E 73 13.55 -2.05 -27.90
N PRO E 74 13.07 -3.29 -28.01
CA PRO E 74 11.79 -3.53 -28.67
C PRO E 74 10.64 -3.34 -27.69
N ILE E 75 9.44 -3.33 -28.24
CA ILE E 75 8.19 -3.20 -27.48
C ILE E 75 7.49 -4.55 -27.49
N TYR E 76 6.96 -4.96 -26.34
CA TYR E 76 6.10 -6.12 -26.25
C TYR E 76 4.66 -5.68 -26.02
N SER E 77 3.74 -6.29 -26.76
CA SER E 77 2.31 -6.08 -26.60
C SER E 77 1.64 -7.43 -26.56
N ASN E 78 0.53 -7.51 -25.83
CA ASN E 78 -0.29 -8.72 -25.81
C ASN E 78 -1.44 -8.68 -26.81
N SER E 79 -1.53 -7.64 -27.64
CA SER E 79 -2.66 -7.44 -28.53
C SER E 79 -2.18 -7.60 -29.97
N GLN E 80 -2.44 -8.77 -30.55
CA GLN E 80 -2.14 -8.97 -31.97
C GLN E 80 -2.95 -8.01 -32.85
N THR E 81 -4.17 -7.65 -32.42
CA THR E 81 -4.95 -6.64 -33.14
C THR E 81 -4.19 -5.32 -33.24
N ALA E 82 -3.61 -4.85 -32.13
CA ALA E 82 -2.95 -3.54 -32.13
C ALA E 82 -1.65 -3.57 -32.92
N ILE E 83 -0.96 -4.71 -32.92
CA ILE E 83 0.29 -4.84 -33.68
C ILE E 83 0.01 -4.78 -35.17
N LYS E 84 -1.03 -5.47 -35.62
CA LYS E 84 -1.53 -5.30 -36.99
C LYS E 84 -1.80 -3.84 -37.31
N TRP E 85 -2.62 -3.18 -36.50
CA TRP E 85 -3.00 -1.79 -36.75
C TRP E 85 -1.78 -0.88 -36.87
N VAL E 86 -0.77 -1.06 -36.00
CA VAL E 86 0.40 -0.22 -36.09
C VAL E 86 1.20 -0.56 -37.34
N LYS E 87 1.34 -1.85 -37.64
CA LYS E 87 1.97 -2.26 -38.89
C LYS E 87 1.24 -1.66 -40.09
N ASP E 88 -0.08 -1.75 -40.10
CA ASP E 88 -0.88 -1.18 -41.19
C ASP E 88 -0.84 0.35 -41.21
N LYS E 89 -0.39 0.98 -40.14
CA LYS E 89 -0.63 2.42 -39.95
C LYS E 89 -2.13 2.73 -40.05
N LYS E 90 -2.98 1.78 -39.68
CA LYS E 90 -4.43 1.97 -39.77
C LYS E 90 -5.11 1.25 -38.61
N ALA E 91 -5.71 2.03 -37.71
CA ALA E 91 -6.49 1.48 -36.60
C ALA E 91 -7.89 1.16 -37.08
N LYS E 92 -8.08 -0.10 -37.49
CA LYS E 92 -9.36 -0.51 -38.05
C LYS E 92 -10.42 -0.69 -36.97
N SER E 93 -10.66 0.34 -36.17
CA SER E 93 -11.70 0.32 -35.17
C SER E 93 -13.06 0.67 -35.76
N THR E 94 -14.09 0.02 -35.24
CA THR E 94 -15.48 0.27 -35.61
C THR E 94 -16.19 1.23 -34.65
N LEU E 95 -15.50 1.75 -33.65
CA LEU E 95 -16.17 2.65 -32.72
C LEU E 95 -16.67 3.89 -33.47
N VAL E 96 -17.87 4.34 -33.11
CA VAL E 96 -18.49 5.48 -33.78
C VAL E 96 -17.68 6.74 -33.54
N ARG E 97 -17.61 7.58 -34.58
CA ARG E 97 -17.09 8.94 -34.44
C ARG E 97 -18.27 9.88 -34.15
N ASN E 98 -18.39 10.30 -32.90
CA ASN E 98 -19.33 11.35 -32.53
C ASN E 98 -18.60 12.24 -31.53
N GLU E 99 -19.36 13.02 -30.75
CA GLU E 99 -18.74 13.97 -29.86
C GLU E 99 -18.11 13.27 -28.65
N GLU E 100 -18.79 12.25 -28.14
CA GLU E 100 -18.30 11.48 -27.00
C GLU E 100 -16.95 10.82 -27.29
N THR E 101 -16.70 10.46 -28.55
CA THR E 101 -15.53 9.70 -28.93
C THR E 101 -14.52 10.53 -29.69
N ALA E 102 -14.71 11.86 -29.71
CA ALA E 102 -13.79 12.71 -30.47
C ALA E 102 -12.37 12.61 -29.91
N LEU E 103 -12.23 12.42 -28.61
CA LEU E 103 -10.90 12.44 -28.00
C LEU E 103 -10.04 11.29 -28.48
N ILE E 104 -10.43 10.02 -28.22
CA ILE E 104 -9.61 8.89 -28.69
C ILE E 104 -9.40 8.98 -30.18
N TRP E 105 -10.46 9.29 -30.93
CA TRP E 105 -10.35 9.39 -32.38
C TRP E 105 -9.33 10.46 -32.77
N LYS E 106 -9.31 11.57 -32.05
CA LYS E 106 -8.22 12.51 -32.28
C LYS E 106 -6.88 11.84 -31.99
N LEU E 107 -6.76 11.16 -30.84
CA LEU E 107 -5.51 10.51 -30.49
C LEU E 107 -5.13 9.45 -31.52
N VAL E 108 -6.12 8.66 -31.95
CA VAL E 108 -5.86 7.60 -32.92
C VAL E 108 -5.41 8.19 -34.24
N ASP E 109 -6.16 9.19 -34.74
CA ASP E 109 -5.85 9.85 -36.00
C ASP E 109 -4.45 10.44 -35.98
N GLU E 110 -4.08 11.08 -34.87
CA GLU E 110 -2.74 11.68 -34.77
C GLU E 110 -1.66 10.63 -34.62
N ALA E 111 -1.99 9.49 -34.00
CA ALA E 111 -1.03 8.39 -33.91
C ALA E 111 -0.76 7.80 -35.30
N GLU E 112 -1.80 7.74 -36.12
CA GLU E 112 -1.62 7.33 -37.50
C GLU E 112 -0.76 8.33 -38.27
N GLU E 113 -0.97 9.63 -38.03
CA GLU E 113 -0.16 10.61 -38.76
C GLU E 113 1.30 10.54 -38.35
N TRP E 114 1.58 10.34 -37.07
CA TRP E 114 2.95 10.14 -36.62
C TRP E 114 3.60 8.96 -37.31
N LEU E 115 2.87 7.82 -37.38
CA LEU E 115 3.40 6.64 -38.06
C LEU E 115 3.66 6.92 -39.53
N ASN E 116 2.74 7.61 -40.20
CA ASN E 116 2.89 7.91 -41.62
C ASN E 116 4.11 8.79 -41.91
N THR E 117 4.64 9.53 -40.92
CA THR E 117 5.61 10.59 -41.18
C THR E 117 6.89 10.46 -40.35
N HIS E 118 7.21 9.30 -39.83
CA HIS E 118 8.41 9.12 -39.02
C HIS E 118 8.98 7.75 -39.32
N THR E 119 10.27 7.57 -39.10
CA THR E 119 10.84 6.24 -39.10
C THR E 119 11.07 5.78 -37.66
N TYR E 120 10.94 4.48 -37.46
CA TYR E 120 11.32 3.89 -36.19
C TYR E 120 12.00 2.54 -36.46
N GLU E 121 12.95 2.20 -35.60
CA GLU E 121 13.67 0.93 -35.66
C GLU E 121 13.10 -0.11 -34.72
N THR E 122 12.26 0.29 -33.77
CA THR E 122 11.78 -0.57 -32.70
C THR E 122 11.11 -1.82 -33.26
N PRO E 123 11.53 -3.02 -32.85
CA PRO E 123 10.71 -4.22 -33.13
C PRO E 123 9.47 -4.26 -32.23
N ILE E 124 8.35 -4.62 -32.83
CA ILE E 124 7.06 -4.67 -32.15
C ILE E 124 6.64 -6.14 -32.12
N LEU E 125 6.65 -6.71 -30.94
CA LEU E 125 6.60 -8.15 -30.80
C LEU E 125 5.41 -8.58 -29.98
N LYS E 126 4.79 -9.69 -30.37
CA LYS E 126 3.74 -10.28 -29.53
C LYS E 126 4.39 -11.01 -28.37
N TRP E 127 4.06 -10.61 -27.16
CA TRP E 127 4.41 -11.40 -25.99
C TRP E 127 3.82 -12.81 -26.14
N GLN E 128 4.62 -13.82 -25.84
CA GLN E 128 4.20 -15.23 -25.99
C GLN E 128 3.79 -15.75 -24.61
N THR E 129 2.52 -15.53 -24.27
CA THR E 129 2.03 -15.89 -22.95
C THR E 129 2.23 -17.38 -22.65
N ASP E 130 1.96 -18.25 -23.64
CA ASP E 130 2.03 -19.68 -23.37
C ASP E 130 3.46 -20.20 -23.30
N LYS E 131 4.45 -19.38 -23.62
CA LYS E 131 5.85 -19.74 -23.42
C LYS E 131 6.48 -19.02 -22.24
N TRP E 132 6.13 -17.75 -22.01
CA TRP E 132 6.88 -16.91 -21.10
C TRP E 132 6.12 -16.50 -19.87
N GLY E 133 4.85 -16.93 -19.74
CA GLY E 133 4.04 -16.52 -18.61
C GLY E 133 3.54 -15.10 -18.76
N GLU E 134 3.37 -14.43 -17.62
CA GLU E 134 2.71 -13.13 -17.55
C GLU E 134 3.52 -12.04 -18.26
N ILE E 135 2.87 -11.34 -19.18
CA ILE E 135 3.47 -10.12 -19.72
C ILE E 135 3.66 -9.13 -18.56
N LYS E 136 4.64 -8.25 -18.72
CA LYS E 136 4.78 -7.00 -17.94
C LYS E 136 5.59 -7.25 -16.69
N GLU F 8 29.75 18.37 -64.13
CA GLU F 8 29.43 17.08 -63.52
C GLU F 8 27.94 16.71 -63.63
N ILE F 9 27.03 17.63 -63.29
CA ILE F 9 25.62 17.39 -63.50
C ILE F 9 25.30 17.42 -64.99
N ILE F 10 24.71 16.33 -65.49
CA ILE F 10 24.21 16.30 -66.86
C ILE F 10 22.75 16.75 -66.77
N TRP F 11 22.53 18.05 -66.96
CA TRP F 11 21.18 18.59 -66.88
C TRP F 11 20.23 17.93 -67.84
N GLU F 12 20.73 17.51 -69.01
CA GLU F 12 19.88 16.90 -70.02
C GLU F 12 19.83 15.42 -69.70
N SER F 13 18.88 15.04 -68.85
CA SER F 13 18.81 13.72 -68.24
C SER F 13 17.46 13.54 -67.58
N LEU F 14 17.24 12.35 -67.05
CA LEU F 14 16.03 11.96 -66.34
C LEU F 14 16.36 11.74 -64.86
N SER F 15 15.47 12.19 -63.98
CA SER F 15 15.58 11.97 -62.54
C SER F 15 14.36 11.19 -62.08
N VAL F 16 14.59 10.18 -61.26
CA VAL F 16 13.48 9.38 -60.74
C VAL F 16 13.55 9.39 -59.22
N ASP F 17 12.40 9.19 -58.60
CA ASP F 17 12.35 9.16 -57.14
C ASP F 17 11.08 8.48 -56.68
N VAL F 18 11.14 7.95 -55.47
CA VAL F 18 10.05 7.20 -54.84
C VAL F 18 9.38 8.10 -53.81
N GLY F 19 8.05 8.10 -53.81
CA GLY F 19 7.28 8.62 -52.70
C GLY F 19 6.78 7.46 -51.85
N SER F 20 7.02 7.57 -50.54
CA SER F 20 6.78 6.46 -49.62
C SER F 20 6.08 6.96 -48.37
N GLN F 21 4.90 6.41 -48.09
CA GLN F 21 4.25 6.60 -46.79
C GLN F 21 4.49 5.32 -46.01
N GLY F 22 5.51 5.34 -45.15
CA GLY F 22 5.89 4.14 -44.46
C GLY F 22 6.77 3.22 -45.27
N ASN F 23 7.68 2.52 -44.58
CA ASN F 23 8.55 1.56 -45.21
C ASN F 23 8.69 0.31 -44.35
N PRO F 24 8.06 -0.81 -44.73
CA PRO F 24 7.19 -1.00 -45.90
C PRO F 24 5.93 -0.16 -45.79
N GLY F 25 5.18 -0.02 -46.87
CA GLY F 25 4.08 0.92 -46.92
C GLY F 25 3.70 1.21 -48.36
N ILE F 26 2.87 2.24 -48.52
CA ILE F 26 2.44 2.63 -49.84
C ILE F 26 3.61 3.34 -50.52
N VAL F 27 3.99 2.86 -51.71
CA VAL F 27 5.10 3.44 -52.45
C VAL F 27 4.62 3.80 -53.85
N GLU F 28 5.10 4.92 -54.35
CA GLU F 28 4.85 5.38 -55.70
C GLU F 28 6.15 5.94 -56.24
N TYR F 29 6.17 6.25 -57.54
CA TYR F 29 7.38 6.78 -58.14
C TYR F 29 7.03 7.54 -59.41
N LYS F 30 7.97 8.40 -59.81
CA LYS F 30 7.81 9.18 -61.03
C LYS F 30 9.16 9.53 -61.63
N GLY F 31 9.18 9.68 -62.95
CA GLY F 31 10.33 10.20 -63.64
C GLY F 31 10.05 11.63 -64.12
N VAL F 32 11.00 12.51 -63.85
CA VAL F 32 10.89 13.90 -64.24
C VAL F 32 12.08 14.28 -65.10
N ASP F 33 11.85 15.24 -65.99
CA ASP F 33 12.94 15.85 -66.71
C ASP F 33 13.78 16.64 -65.74
N THR F 34 15.09 16.38 -65.72
CA THR F 34 15.95 16.99 -64.71
C THR F 34 15.95 18.50 -64.83
N LYS F 35 16.00 19.01 -66.06
CA LYS F 35 16.08 20.45 -66.26
C LYS F 35 14.74 21.13 -65.97
N THR F 36 13.69 20.75 -66.69
CA THR F 36 12.41 21.47 -66.65
C THR F 36 11.49 21.03 -65.51
N GLY F 37 11.76 19.91 -64.87
CA GLY F 37 10.84 19.36 -63.89
C GLY F 37 9.63 18.67 -64.48
N GLU F 38 9.43 18.76 -65.79
CA GLU F 38 8.25 18.16 -66.41
C GLU F 38 8.19 16.66 -66.13
N VAL F 39 7.02 16.21 -65.71
CA VAL F 39 6.82 14.82 -65.34
C VAL F 39 6.64 13.99 -66.61
N LEU F 40 7.53 13.02 -66.83
CA LEU F 40 7.44 12.16 -68.02
C LEU F 40 6.78 10.83 -67.75
N PHE F 41 6.83 10.34 -66.53
CA PHE F 41 6.05 9.15 -66.21
C PHE F 41 5.83 9.14 -64.71
N GLU F 42 4.87 8.31 -64.33
CA GLU F 42 4.26 8.40 -63.02
C GLU F 42 3.60 7.07 -62.74
N ARG F 43 3.75 6.61 -61.52
CA ARG F 43 3.19 5.33 -61.11
C ARG F 43 2.20 5.60 -59.98
N GLU F 44 0.96 5.19 -60.19
CA GLU F 44 -0.05 5.25 -59.15
C GLU F 44 0.44 4.50 -57.91
N PRO F 45 -0.04 4.85 -56.72
CA PRO F 45 0.47 4.19 -55.52
C PRO F 45 0.24 2.68 -55.56
N ILE F 46 1.24 1.94 -55.12
CA ILE F 46 1.12 0.52 -54.84
C ILE F 46 0.86 0.39 -53.34
N PRO F 47 -0.03 -0.51 -52.91
CA PRO F 47 -0.40 -0.53 -51.48
C PRO F 47 0.74 -0.89 -50.56
N ILE F 48 1.48 -1.97 -50.85
CA ILE F 48 2.57 -2.39 -49.99
C ILE F 48 3.82 -2.62 -50.84
N GLY F 49 4.90 -1.91 -50.51
CA GLY F 49 6.21 -2.13 -51.10
C GLY F 49 7.23 -1.56 -50.13
N THR F 50 8.51 -1.77 -50.46
CA THR F 50 9.60 -1.07 -49.80
C THR F 50 10.09 0.05 -50.70
N ASN F 51 10.77 1.04 -50.10
CA ASN F 51 11.40 2.09 -50.90
C ASN F 51 12.34 1.50 -51.94
N ASN F 52 13.22 0.60 -51.50
CA ASN F 52 14.24 0.06 -52.40
C ASN F 52 13.60 -0.57 -53.62
N MET F 53 12.50 -1.31 -53.43
CA MET F 53 11.81 -1.92 -54.57
C MET F 53 11.17 -0.85 -55.42
N GLY F 54 10.61 0.18 -54.79
CA GLY F 54 10.07 1.30 -55.54
C GLY F 54 11.13 1.94 -56.42
N GLU F 55 12.34 2.14 -55.86
CA GLU F 55 13.44 2.74 -56.60
C GLU F 55 13.88 1.84 -57.73
N PHE F 56 14.04 0.55 -57.42
CA PHE F 56 14.36 -0.45 -58.44
C PHE F 56 13.42 -0.34 -59.63
N LEU F 57 12.11 -0.30 -59.35
CA LEU F 57 11.14 -0.24 -60.45
C LEU F 57 11.25 1.09 -61.19
N ALA F 58 11.51 2.18 -60.47
CA ALA F 58 11.53 3.50 -61.09
C ALA F 58 12.71 3.64 -62.04
N ILE F 59 13.85 3.02 -61.69
CA ILE F 59 14.99 3.05 -62.60
C ILE F 59 14.67 2.28 -63.88
N VAL F 60 14.22 1.03 -63.74
CA VAL F 60 13.91 0.19 -64.91
C VAL F 60 12.80 0.80 -65.76
N HIS F 61 11.78 1.39 -65.13
CA HIS F 61 10.78 2.14 -65.90
C HIS F 61 11.45 3.25 -66.71
N GLY F 62 12.35 4.00 -66.08
CA GLY F 62 13.09 5.00 -66.82
C GLY F 62 13.83 4.41 -68.01
N LEU F 63 14.43 3.21 -67.82
CA LEU F 63 15.27 2.61 -68.87
C LEU F 63 14.42 2.18 -70.06
N ARG F 64 13.26 1.57 -69.81
CA ARG F 64 12.37 1.24 -70.91
C ARG F 64 11.82 2.49 -71.56
N TYR F 65 11.42 3.48 -70.75
CA TYR F 65 10.98 4.77 -71.26
C TYR F 65 12.03 5.39 -72.18
N LEU F 66 13.28 5.42 -71.72
CA LEU F 66 14.33 6.09 -72.49
C LEU F 66 14.72 5.28 -73.72
N LYS F 67 14.68 3.95 -73.63
CA LYS F 67 15.06 3.14 -74.77
C LYS F 67 14.03 3.24 -75.89
N GLU F 68 12.74 3.29 -75.52
CA GLU F 68 11.69 3.33 -76.53
C GLU F 68 11.84 4.56 -77.42
N ARG F 69 12.27 5.67 -76.84
CA ARG F 69 12.47 6.90 -77.59
C ARG F 69 13.91 7.12 -78.01
N ASN F 70 14.79 6.11 -77.88
CA ASN F 70 16.19 6.19 -78.29
C ASN F 70 16.88 7.47 -77.74
N SER F 71 16.71 7.70 -76.44
CA SER F 71 17.17 8.94 -75.84
C SER F 71 18.65 8.89 -75.47
N ARG F 72 19.27 10.07 -75.44
CA ARG F 72 20.62 10.24 -74.94
C ARG F 72 20.66 10.72 -73.50
N LYS F 73 19.52 10.71 -72.80
CA LYS F 73 19.48 11.12 -71.41
C LYS F 73 20.04 10.02 -70.52
N PRO F 74 20.91 10.34 -69.55
CA PRO F 74 21.15 9.41 -68.45
C PRO F 74 19.98 9.41 -67.50
N ILE F 75 19.90 8.36 -66.69
CA ILE F 75 18.98 8.30 -65.55
C ILE F 75 19.76 8.63 -64.29
N TYR F 76 19.22 9.53 -63.47
CA TYR F 76 19.73 9.80 -62.13
C TYR F 76 18.80 9.22 -61.07
N SER F 77 19.41 8.62 -60.04
CA SER F 77 18.73 8.12 -58.84
C SER F 77 19.63 8.44 -57.67
N ASN F 78 19.03 8.73 -56.50
CA ASN F 78 19.85 8.96 -55.33
C ASN F 78 19.89 7.76 -54.40
N SER F 79 19.42 6.60 -54.86
CA SER F 79 19.51 5.35 -54.09
C SER F 79 20.68 4.51 -54.59
N GLN F 80 21.75 4.46 -53.78
CA GLN F 80 22.89 3.60 -54.03
C GLN F 80 22.50 2.12 -54.11
N THR F 81 21.66 1.67 -53.18
CA THR F 81 21.22 0.27 -53.15
C THR F 81 20.56 -0.15 -54.46
N ALA F 82 19.50 0.56 -54.85
CA ALA F 82 18.76 0.16 -56.05
C ALA F 82 19.59 0.32 -57.32
N ILE F 83 20.46 1.34 -57.39
CA ILE F 83 21.34 1.48 -58.56
C ILE F 83 22.18 0.23 -58.71
N LYS F 84 22.71 -0.29 -57.60
CA LYS F 84 23.47 -1.53 -57.63
C LYS F 84 22.58 -2.73 -57.96
N TRP F 85 21.35 -2.79 -57.42
CA TRP F 85 20.45 -3.91 -57.75
C TRP F 85 20.15 -3.98 -59.24
N VAL F 86 20.06 -2.83 -59.92
CA VAL F 86 19.79 -2.83 -61.35
C VAL F 86 20.99 -3.37 -62.11
N LYS F 87 22.18 -2.80 -61.83
CA LYS F 87 23.42 -3.31 -62.40
C LYS F 87 23.57 -4.82 -62.19
N ASP F 88 23.18 -5.33 -61.01
CA ASP F 88 23.26 -6.76 -60.78
C ASP F 88 22.08 -7.54 -61.35
N LYS F 89 21.05 -6.86 -61.86
CA LYS F 89 19.85 -7.49 -62.41
C LYS F 89 19.10 -8.29 -61.36
N LYS F 90 19.31 -7.99 -60.09
CA LYS F 90 18.73 -8.76 -59.00
C LYS F 90 18.35 -7.79 -57.91
N ALA F 91 17.08 -7.79 -57.50
CA ALA F 91 16.59 -6.89 -56.44
C ALA F 91 16.60 -7.65 -55.12
N LYS F 92 17.59 -7.36 -54.27
CA LYS F 92 17.83 -8.16 -53.06
C LYS F 92 16.94 -7.70 -51.90
N SER F 93 15.64 -7.69 -52.14
CA SER F 93 14.71 -7.29 -51.09
C SER F 93 14.45 -8.43 -50.12
N THR F 94 14.20 -8.07 -48.86
CA THR F 94 13.81 -9.04 -47.84
C THR F 94 12.32 -9.04 -47.58
N LEU F 95 11.55 -8.28 -48.35
CA LEU F 95 10.10 -8.25 -48.16
C LEU F 95 9.52 -9.64 -48.37
N VAL F 96 8.69 -10.07 -47.42
CA VAL F 96 8.06 -11.38 -47.49
C VAL F 96 7.14 -11.45 -48.71
N ARG F 97 7.17 -12.59 -49.39
CA ARG F 97 6.26 -12.85 -50.51
C ARG F 97 4.98 -13.45 -49.95
N ASN F 98 3.88 -12.71 -50.09
CA ASN F 98 2.57 -13.15 -49.62
C ASN F 98 1.52 -12.45 -50.44
N GLU F 99 0.25 -12.82 -50.20
CA GLU F 99 -0.86 -12.21 -50.93
C GLU F 99 -0.73 -10.70 -50.96
N GLU F 100 -0.48 -10.10 -49.81
CA GLU F 100 -0.54 -8.64 -49.72
C GLU F 100 0.61 -7.99 -50.50
N THR F 101 1.75 -8.68 -50.61
CA THR F 101 2.89 -8.17 -51.37
C THR F 101 3.03 -8.83 -52.74
N ALA F 102 1.99 -9.50 -53.23
CA ALA F 102 2.09 -10.15 -54.53
C ALA F 102 2.42 -9.17 -55.64
N LEU F 103 1.92 -7.93 -55.55
CA LEU F 103 1.96 -7.01 -56.68
C LEU F 103 3.36 -6.41 -56.89
N ILE F 104 3.99 -5.88 -55.83
CA ILE F 104 5.35 -5.36 -55.98
C ILE F 104 6.31 -6.46 -56.40
N TRP F 105 6.14 -7.67 -55.87
CA TRP F 105 7.00 -8.77 -56.29
C TRP F 105 6.76 -9.15 -57.75
N LYS F 106 5.50 -9.13 -58.21
CA LYS F 106 5.23 -9.33 -59.63
C LYS F 106 6.01 -8.31 -60.47
N LEU F 107 5.88 -7.04 -60.11
CA LEU F 107 6.52 -5.98 -60.89
C LEU F 107 8.04 -6.08 -60.84
N VAL F 108 8.60 -6.46 -59.68
CA VAL F 108 10.05 -6.60 -59.54
C VAL F 108 10.55 -7.82 -60.29
N ASP F 109 9.81 -8.93 -60.22
CA ASP F 109 10.18 -10.13 -61.00
C ASP F 109 10.20 -9.80 -62.49
N GLU F 110 9.18 -9.07 -62.95
CA GLU F 110 9.10 -8.66 -64.34
C GLU F 110 10.17 -7.63 -64.69
N ALA F 111 10.52 -6.74 -63.75
CA ALA F 111 11.58 -5.78 -63.99
C ALA F 111 12.93 -6.48 -64.08
N GLU F 112 13.17 -7.49 -63.23
CA GLU F 112 14.36 -8.29 -63.35
C GLU F 112 14.41 -9.03 -64.69
N GLU F 113 13.29 -9.65 -65.08
CA GLU F 113 13.25 -10.34 -66.37
C GLU F 113 13.48 -9.41 -67.55
N TRP F 114 13.06 -8.15 -67.46
CA TRP F 114 13.37 -7.21 -68.54
C TRP F 114 14.88 -6.97 -68.65
N LEU F 115 15.55 -6.80 -67.51
CA LEU F 115 16.99 -6.52 -67.50
C LEU F 115 17.80 -7.70 -68.00
N ASN F 116 17.29 -8.92 -67.74
CA ASN F 116 17.91 -10.15 -68.20
C ASN F 116 17.85 -10.31 -69.72
N THR F 117 16.99 -9.56 -70.40
CA THR F 117 16.71 -9.83 -71.81
C THR F 117 16.96 -8.63 -72.72
N HIS F 118 17.41 -7.49 -72.18
CA HIS F 118 17.52 -6.27 -72.97
C HIS F 118 18.86 -5.57 -72.75
N THR F 119 19.50 -5.18 -73.84
CA THR F 119 20.56 -4.19 -73.78
C THR F 119 19.96 -2.79 -73.75
N TYR F 120 20.76 -1.83 -73.31
CA TYR F 120 20.37 -0.43 -73.17
C TYR F 120 21.62 0.40 -72.97
N GLU F 121 21.59 1.65 -73.45
CA GLU F 121 22.77 2.49 -73.47
C GLU F 121 22.75 3.65 -72.48
N THR F 122 21.60 4.01 -71.93
CA THR F 122 21.60 5.11 -70.97
C THR F 122 22.31 4.69 -69.69
N PRO F 123 23.34 5.42 -69.24
CA PRO F 123 23.98 5.08 -67.97
C PRO F 123 23.10 5.44 -66.79
N ILE F 124 23.32 4.72 -65.70
CA ILE F 124 22.63 4.97 -64.45
C ILE F 124 23.60 5.68 -63.51
N LEU F 125 23.30 6.92 -63.16
CA LEU F 125 24.19 7.76 -62.38
C LEU F 125 23.60 8.03 -61.00
N LYS F 126 24.50 8.16 -60.01
CA LYS F 126 24.14 8.50 -58.63
C LYS F 126 23.83 9.99 -58.54
N TRP F 127 22.62 10.33 -58.10
CA TRP F 127 22.32 11.72 -57.76
C TRP F 127 22.91 12.03 -56.39
N GLN F 128 23.78 13.05 -56.34
CA GLN F 128 24.56 13.39 -55.15
C GLN F 128 23.84 14.48 -54.35
N THR F 129 22.90 14.05 -53.51
CA THR F 129 22.04 14.98 -52.80
C THR F 129 22.85 15.93 -51.93
N ASP F 130 23.93 15.44 -51.32
CA ASP F 130 24.73 16.30 -50.44
C ASP F 130 25.42 17.42 -51.20
N LYS F 131 25.78 17.20 -52.47
CA LYS F 131 26.49 18.22 -53.24
C LYS F 131 25.56 19.07 -54.12
N TRP F 132 24.47 18.51 -54.64
CA TRP F 132 23.63 19.19 -55.62
C TRP F 132 22.19 19.43 -55.15
N GLY F 133 21.90 19.17 -53.87
CA GLY F 133 20.54 19.36 -53.39
C GLY F 133 19.57 18.28 -53.87
N GLU F 134 18.30 18.61 -53.75
CA GLU F 134 17.22 17.65 -53.96
C GLU F 134 17.16 17.14 -55.38
N ILE F 135 16.85 15.85 -55.51
CA ILE F 135 16.60 15.27 -56.81
C ILE F 135 15.27 15.79 -57.35
N LYS F 136 15.24 16.11 -58.64
CA LYS F 136 14.12 16.88 -59.18
C LYS F 136 12.78 16.16 -59.09
N ALA F 137 12.78 14.84 -58.88
CA ALA F 137 11.53 14.05 -58.78
C ALA F 137 11.02 13.92 -57.36
N ASP F 138 11.61 14.67 -56.42
CA ASP F 138 11.33 14.51 -54.99
C ASP F 138 9.89 14.87 -54.68
N TYR F 139 9.21 14.01 -53.91
CA TYR F 139 7.78 14.21 -53.62
C TYR F 139 7.53 15.27 -52.55
N GLU G 8 2.57 5.63 8.55
CA GLU G 8 2.84 6.96 8.00
C GLU G 8 1.99 8.03 8.68
N ILE G 9 2.32 9.32 8.48
CA ILE G 9 1.54 10.40 9.06
C ILE G 9 0.19 10.50 8.36
N ILE G 10 -0.87 10.77 9.14
CA ILE G 10 -2.17 11.12 8.60
C ILE G 10 -2.35 12.62 8.84
N TRP G 11 -2.26 13.41 7.77
CA TRP G 11 -2.14 14.85 7.91
C TRP G 11 -3.45 15.49 8.38
N GLU G 12 -4.59 14.96 7.93
CA GLU G 12 -5.88 15.47 8.40
C GLU G 12 -6.15 14.84 9.76
N SER G 13 -5.66 15.51 10.80
CA SER G 13 -5.72 14.96 12.15
C SER G 13 -5.54 16.08 13.17
N LEU G 14 -5.64 15.71 14.45
CA LEU G 14 -5.49 16.61 15.59
C LEU G 14 -4.26 16.22 16.38
N SER G 15 -3.36 17.17 16.60
CA SER G 15 -2.20 16.97 17.46
C SER G 15 -2.38 17.75 18.76
N VAL G 16 -1.97 17.16 19.88
CA VAL G 16 -2.06 17.77 21.19
C VAL G 16 -0.73 17.67 21.92
N ASP G 17 -0.45 18.65 22.79
CA ASP G 17 0.70 18.59 23.69
C ASP G 17 0.42 19.36 24.97
N VAL G 18 1.14 19.01 26.03
CA VAL G 18 1.07 19.69 27.30
C VAL G 18 2.37 20.45 27.53
N GLY G 19 2.25 21.68 28.03
CA GLY G 19 3.39 22.48 28.42
C GLY G 19 3.71 22.32 29.89
N SER G 20 4.85 21.70 30.20
CA SER G 20 5.22 21.34 31.55
C SER G 20 6.28 22.29 32.09
N GLN G 21 6.05 22.80 33.30
CA GLN G 21 6.98 23.69 34.00
C GLN G 21 7.17 23.11 35.40
N GLY G 22 7.89 22.01 35.47
CA GLY G 22 7.94 21.18 36.66
C GLY G 22 7.03 19.97 36.53
N ASN G 23 7.42 18.88 37.21
CA ASN G 23 6.68 17.62 37.17
C ASN G 23 6.77 16.96 38.53
N PRO G 24 5.78 17.18 39.41
CA PRO G 24 4.58 18.02 39.24
C PRO G 24 4.87 19.51 39.13
N GLY G 25 3.92 20.27 38.61
CA GLY G 25 4.12 21.69 38.39
C GLY G 25 2.97 22.26 37.60
N ILE G 26 3.11 23.55 37.25
CA ILE G 26 2.07 24.23 36.47
C ILE G 26 2.05 23.65 35.07
N VAL G 27 0.84 23.35 34.57
CA VAL G 27 0.68 22.63 33.31
C VAL G 27 -0.47 23.21 32.51
N GLU G 28 -0.32 23.14 31.19
CA GLU G 28 -1.36 23.54 30.24
C GLU G 28 -1.22 22.69 29.00
N TYR G 29 -2.26 22.68 28.18
CA TYR G 29 -2.23 21.92 26.93
C TYR G 29 -2.90 22.71 25.82
N LYS G 30 -2.70 22.25 24.57
CA LYS G 30 -3.45 22.76 23.42
C LYS G 30 -3.60 21.65 22.38
N GLY G 31 -4.49 21.91 21.43
CA GLY G 31 -4.63 21.07 20.24
C GLY G 31 -4.64 21.87 18.96
N VAL G 32 -3.97 21.34 17.94
CA VAL G 32 -3.81 22.07 16.69
C VAL G 32 -4.12 21.18 15.49
N ASP G 33 -4.51 21.83 14.38
CA ASP G 33 -4.59 21.15 13.10
C ASP G 33 -3.20 20.68 12.67
N THR G 34 -3.04 19.37 12.43
CA THR G 34 -1.72 18.81 12.22
C THR G 34 -1.03 19.40 11.00
N LYS G 35 -1.78 19.73 9.94
CA LYS G 35 -1.22 20.44 8.79
C LYS G 35 -1.26 21.95 9.02
N THR G 36 -2.46 22.51 9.09
CA THR G 36 -2.66 23.96 9.09
C THR G 36 -1.86 24.67 10.16
N GLY G 37 -1.63 24.02 11.31
CA GLY G 37 -0.95 24.63 12.43
C GLY G 37 -1.86 25.41 13.34
N GLU G 38 -3.12 25.62 12.96
CA GLU G 38 -4.03 26.48 13.68
C GLU G 38 -4.30 25.94 15.08
N VAL G 39 -4.34 26.84 16.06
CA VAL G 39 -4.63 26.45 17.44
C VAL G 39 -6.14 26.32 17.58
N LEU G 40 -6.60 25.10 17.83
CA LEU G 40 -8.04 24.85 17.81
C LEU G 40 -8.67 24.79 19.20
N PHE G 41 -7.87 24.64 20.24
CA PHE G 41 -8.32 24.78 21.62
C PHE G 41 -7.08 24.76 22.51
N GLU G 42 -7.17 25.44 23.66
CA GLU G 42 -6.05 25.47 24.59
C GLU G 42 -6.58 25.84 25.96
N ARG G 43 -6.04 25.19 26.98
CA ARG G 43 -6.50 25.33 28.35
C ARG G 43 -5.59 26.28 29.10
N GLU G 44 -6.18 27.23 29.83
CA GLU G 44 -5.39 28.15 30.64
C GLU G 44 -4.62 27.36 31.69
N PRO G 45 -3.40 27.76 32.02
CA PRO G 45 -2.57 27.00 32.95
C PRO G 45 -3.30 26.61 34.24
N ILE G 46 -2.95 25.43 34.74
CA ILE G 46 -3.48 24.89 36.00
C ILE G 46 -2.32 24.90 37.01
N PRO G 47 -2.55 25.37 38.25
CA PRO G 47 -1.41 25.59 39.17
C PRO G 47 -0.49 24.38 39.36
N ILE G 48 -1.03 23.21 39.70
CA ILE G 48 -0.21 22.03 39.94
C ILE G 48 -0.86 20.85 39.23
N GLY G 49 -0.04 20.07 38.52
CA GLY G 49 -0.46 18.85 37.88
C GLY G 49 0.78 18.09 37.45
N THR G 50 0.57 16.99 36.75
CA THR G 50 1.68 16.24 36.19
C THR G 50 1.57 16.24 34.66
N ASN G 51 2.71 16.05 34.00
CA ASN G 51 2.76 15.95 32.55
C ASN G 51 1.64 15.07 32.03
N ASN G 52 1.51 13.87 32.60
CA ASN G 52 0.60 12.85 32.07
C ASN G 52 -0.87 13.20 32.29
N MET G 53 -1.22 13.82 33.42
CA MET G 53 -2.60 14.27 33.58
C MET G 53 -2.95 15.37 32.60
N GLY G 54 -1.95 16.16 32.18
CA GLY G 54 -2.18 17.14 31.13
C GLY G 54 -2.37 16.50 29.77
N GLU G 55 -1.63 15.43 29.49
CA GLU G 55 -1.86 14.69 28.26
C GLU G 55 -3.25 14.06 28.25
N PHE G 56 -3.64 13.48 29.39
CA PHE G 56 -4.95 12.85 29.53
C PHE G 56 -6.09 13.81 29.16
N LEU G 57 -6.12 14.98 29.82
CA LEU G 57 -7.15 15.97 29.56
C LEU G 57 -7.07 16.49 28.13
N ALA G 58 -5.85 16.64 27.59
CA ALA G 58 -5.68 17.08 26.21
C ALA G 58 -6.38 16.14 25.23
N ILE G 59 -6.29 14.83 25.47
CA ILE G 59 -6.88 13.86 24.54
C ILE G 59 -8.40 13.85 24.68
N VAL G 60 -8.90 13.79 25.93
CA VAL G 60 -10.34 13.85 26.16
C VAL G 60 -10.95 15.16 25.67
N HIS G 61 -10.15 16.23 25.62
CA HIS G 61 -10.65 17.48 25.08
C HIS G 61 -10.85 17.38 23.57
N GLY G 62 -9.85 16.88 22.86
CA GLY G 62 -10.01 16.66 21.43
C GLY G 62 -11.13 15.69 21.09
N LEU G 63 -11.35 14.69 21.95
CA LEU G 63 -12.47 13.78 21.75
C LEU G 63 -13.80 14.53 21.76
N ARG G 64 -14.03 15.34 22.79
CA ARG G 64 -15.25 16.15 22.82
C ARG G 64 -15.29 17.15 21.68
N TYR G 65 -14.13 17.77 21.38
CA TYR G 65 -14.03 18.75 20.30
C TYR G 65 -14.41 18.15 18.96
N LEU G 66 -13.92 16.94 18.66
CA LEU G 66 -14.22 16.33 17.37
C LEU G 66 -15.64 15.76 17.32
N LYS G 67 -16.15 15.25 18.45
CA LYS G 67 -17.50 14.70 18.47
C LYS G 67 -18.55 15.79 18.33
N GLU G 68 -18.36 16.91 19.05
CA GLU G 68 -19.23 18.07 18.88
C GLU G 68 -19.33 18.48 17.42
N ARG G 69 -18.20 18.47 16.70
CA ARG G 69 -18.14 18.83 15.30
C ARG G 69 -18.36 17.64 14.36
N ASN G 70 -18.87 16.51 14.87
CA ASN G 70 -19.11 15.30 14.08
C ASN G 70 -17.90 14.94 13.19
N SER G 71 -16.70 15.22 13.68
CA SER G 71 -15.53 15.01 12.84
C SER G 71 -14.96 13.61 13.01
N ARG G 72 -14.32 13.12 11.94
CA ARG G 72 -13.76 11.77 11.91
C ARG G 72 -12.24 11.76 11.91
N LYS G 73 -11.59 12.90 12.15
CA LYS G 73 -10.14 12.92 12.24
C LYS G 73 -9.66 12.08 13.43
N PRO G 74 -8.47 11.51 13.35
CA PRO G 74 -7.85 10.91 14.53
C PRO G 74 -7.17 11.98 15.37
N ILE G 75 -6.70 11.56 16.55
CA ILE G 75 -6.01 12.44 17.49
C ILE G 75 -4.60 11.89 17.68
N TYR G 76 -3.62 12.78 17.70
CA TYR G 76 -2.21 12.40 17.82
C TYR G 76 -1.65 12.83 19.16
N SER G 77 -0.88 11.94 19.79
CA SER G 77 -0.33 12.19 21.10
C SER G 77 1.04 11.54 21.19
N ASN G 78 1.99 12.27 21.78
CA ASN G 78 3.31 11.73 22.06
C ASN G 78 3.35 10.87 23.32
N SER G 79 2.20 10.65 23.96
CA SER G 79 2.14 10.10 25.31
C SER G 79 1.48 8.73 25.28
N GLN G 80 2.29 7.68 25.27
CA GLN G 80 1.76 6.33 25.37
C GLN G 80 0.98 6.12 26.67
N THR G 81 1.46 6.70 27.77
CA THR G 81 0.75 6.53 29.04
C THR G 81 -0.68 7.05 28.95
N ALA G 82 -0.85 8.31 28.52
CA ALA G 82 -2.18 8.90 28.55
C ALA G 82 -3.13 8.30 27.53
N ILE G 83 -2.60 7.86 26.36
CA ILE G 83 -3.44 7.14 25.40
C ILE G 83 -3.99 5.87 26.02
N LYS G 84 -3.15 5.14 26.74
CA LYS G 84 -3.63 4.02 27.54
C LYS G 84 -4.63 4.48 28.60
N TRP G 85 -4.32 5.59 29.29
CA TRP G 85 -5.19 6.07 30.35
C TRP G 85 -6.58 6.36 29.81
N VAL G 86 -6.66 7.02 28.64
CA VAL G 86 -7.96 7.34 28.04
C VAL G 86 -8.70 6.07 27.65
N LYS G 87 -8.02 5.15 26.97
CA LYS G 87 -8.70 3.93 26.51
C LYS G 87 -9.12 3.06 27.69
N ASP G 88 -8.34 3.06 28.78
CA ASP G 88 -8.71 2.45 30.05
C ASP G 88 -9.84 3.19 30.76
N LYS G 89 -10.14 4.43 30.32
CA LYS G 89 -11.09 5.33 30.99
C LYS G 89 -10.68 5.62 32.43
N LYS G 90 -9.38 5.63 32.71
CA LYS G 90 -8.92 5.72 34.10
C LYS G 90 -7.51 6.31 34.11
N ALA G 91 -7.36 7.47 34.76
CA ALA G 91 -6.08 8.16 34.84
C ALA G 91 -5.30 7.61 36.01
N LYS G 92 -4.34 6.72 35.72
CA LYS G 92 -3.60 6.02 36.76
C LYS G 92 -2.48 6.91 37.30
N SER G 93 -2.84 8.12 37.72
CA SER G 93 -1.87 9.09 38.20
C SER G 93 -1.66 8.91 39.70
N THR G 94 -0.39 8.86 40.10
CA THR G 94 -0.05 8.73 41.52
C THR G 94 0.15 10.09 42.18
N LEU G 95 -0.40 11.16 41.61
CA LEU G 95 -0.23 12.49 42.21
C LEU G 95 -1.10 12.62 43.47
N VAL G 96 -0.51 13.22 44.51
CA VAL G 96 -1.19 13.41 45.79
C VAL G 96 -2.53 14.09 45.59
N ARG G 97 -3.55 13.62 46.30
CA ARG G 97 -4.88 14.23 46.26
C ARG G 97 -5.07 15.05 47.53
N ASN G 98 -4.94 16.36 47.41
CA ASN G 98 -5.09 17.28 48.54
C ASN G 98 -5.71 18.57 48.01
N GLU G 99 -5.55 19.67 48.76
CA GLU G 99 -6.17 20.94 48.40
C GLU G 99 -5.41 21.66 47.29
N GLU G 100 -4.08 21.47 47.23
CA GLU G 100 -3.29 22.04 46.14
C GLU G 100 -3.60 21.35 44.80
N THR G 101 -4.08 20.10 44.84
CA THR G 101 -4.35 19.34 43.64
C THR G 101 -5.83 19.17 43.35
N ALA G 102 -6.71 19.79 44.14
CA ALA G 102 -8.13 19.59 43.92
C ALA G 102 -8.55 20.00 42.50
N LEU G 103 -7.85 20.96 41.90
CA LEU G 103 -8.27 21.48 40.60
C LEU G 103 -8.05 20.47 39.48
N ILE G 104 -6.80 20.09 39.22
CA ILE G 104 -6.51 19.15 38.15
C ILE G 104 -7.23 17.82 38.37
N TRP G 105 -7.46 17.44 39.64
CA TRP G 105 -8.10 16.17 39.93
C TRP G 105 -9.61 16.23 39.68
N LYS G 106 -10.24 17.35 40.01
CA LYS G 106 -11.62 17.56 39.61
C LYS G 106 -11.78 17.44 38.09
N LEU G 107 -10.84 18.02 37.33
CA LEU G 107 -10.88 17.93 35.87
C LEU G 107 -10.62 16.51 35.37
N VAL G 108 -9.75 15.76 36.06
CA VAL G 108 -9.51 14.35 35.72
C VAL G 108 -10.74 13.51 36.03
N ASP G 109 -11.30 13.67 37.23
CA ASP G 109 -12.56 13.01 37.57
C ASP G 109 -13.64 13.32 36.56
N GLU G 110 -13.67 14.55 36.05
CA GLU G 110 -14.69 14.91 35.07
C GLU G 110 -14.38 14.36 33.68
N ALA G 111 -13.10 14.37 33.27
CA ALA G 111 -12.75 13.73 31.99
C ALA G 111 -13.10 12.24 31.99
N GLU G 112 -12.75 11.54 33.07
CA GLU G 112 -13.12 10.14 33.22
C GLU G 112 -14.64 9.97 33.19
N GLU G 113 -15.37 10.87 33.84
CA GLU G 113 -16.82 10.74 33.86
C GLU G 113 -17.39 10.85 32.46
N TRP G 114 -16.85 11.78 31.66
CA TRP G 114 -17.24 11.87 30.25
C TRP G 114 -16.97 10.55 29.54
N LEU G 115 -15.76 10.01 29.70
CA LEU G 115 -15.37 8.81 28.95
C LEU G 115 -16.28 7.62 29.27
N ASN G 116 -16.78 7.55 30.51
CA ASN G 116 -17.73 6.52 30.91
C ASN G 116 -19.13 6.72 30.35
N THR G 117 -19.45 7.90 29.82
CA THR G 117 -20.83 8.20 29.45
C THR G 117 -20.99 8.61 27.99
N HIS G 118 -19.95 8.51 27.18
CA HIS G 118 -20.06 8.84 25.76
C HIS G 118 -19.37 7.77 24.92
N THR G 119 -19.64 7.81 23.61
CA THR G 119 -18.95 7.02 22.62
C THR G 119 -18.30 7.95 21.59
N TYR G 120 -17.27 7.45 20.90
CA TYR G 120 -16.55 8.30 19.95
C TYR G 120 -16.02 7.49 18.77
N GLU G 121 -15.92 8.16 17.62
CA GLU G 121 -15.33 7.58 16.41
C GLU G 121 -13.82 7.75 16.35
N THR G 122 -13.23 8.49 17.26
CA THR G 122 -11.89 9.01 17.07
C THR G 122 -10.84 7.94 17.28
N PRO G 123 -9.95 7.69 16.32
CA PRO G 123 -8.73 6.91 16.61
C PRO G 123 -7.71 7.76 17.35
N ILE G 124 -7.23 7.24 18.47
CA ILE G 124 -6.21 7.90 19.28
C ILE G 124 -4.87 7.23 18.99
N LEU G 125 -4.00 7.94 18.29
CA LEU G 125 -2.76 7.42 17.71
C LEU G 125 -1.53 7.91 18.47
N LYS G 126 -0.47 7.12 18.42
CA LYS G 126 0.83 7.55 18.95
C LYS G 126 1.59 8.31 17.88
N TRP G 127 2.00 9.54 18.20
CA TRP G 127 2.85 10.32 17.31
C TRP G 127 4.30 9.88 17.49
N GLN G 128 4.92 9.41 16.40
CA GLN G 128 6.26 8.82 16.46
C GLN G 128 7.28 9.92 16.25
N THR G 129 8.00 10.28 17.33
CA THR G 129 8.84 11.46 17.31
C THR G 129 10.16 11.22 16.59
N ASP G 130 10.83 10.09 16.83
CA ASP G 130 12.14 9.87 16.23
C ASP G 130 12.09 9.81 14.71
N LYS G 131 10.92 9.51 14.13
CA LYS G 131 10.73 9.43 12.69
C LYS G 131 10.09 10.68 12.10
N TRP G 132 9.13 11.27 12.80
CA TRP G 132 8.32 12.36 12.25
C TRP G 132 8.73 13.73 12.77
N GLY G 133 9.72 13.80 13.66
CA GLY G 133 10.07 15.05 14.30
C GLY G 133 9.21 15.32 15.51
N GLU G 134 8.92 16.57 15.81
CA GLU G 134 8.08 16.91 16.95
C GLU G 134 6.66 17.18 16.48
N ILE G 135 5.70 16.92 17.38
CA ILE G 135 4.30 17.25 17.12
C ILE G 135 4.14 18.74 16.85
N LYS G 136 3.14 19.07 16.03
CA LYS G 136 2.89 20.46 15.66
C LYS G 136 2.23 21.23 16.79
N ALA G 137 2.30 20.71 18.01
CA ALA G 137 1.76 21.40 19.17
C ALA G 137 2.77 21.56 20.31
N ASP G 138 3.99 21.04 20.16
CA ASP G 138 4.99 21.21 21.22
C ASP G 138 5.30 22.70 21.41
N TYR G 139 5.32 23.14 22.65
CA TYR G 139 5.51 24.54 22.97
C TYR G 139 6.96 24.96 22.73
N GLU H 8 40.41 15.18 -18.53
CA GLU H 8 39.10 15.61 -19.01
C GLU H 8 37.98 14.69 -18.53
N ILE H 9 37.05 14.39 -19.44
CA ILE H 9 35.94 13.50 -19.14
C ILE H 9 36.47 12.08 -18.94
N ILE H 10 36.21 11.52 -17.77
CA ILE H 10 36.38 10.09 -17.54
C ILE H 10 35.17 9.41 -18.19
N TRP H 11 35.35 8.93 -19.43
CA TRP H 11 34.23 8.43 -20.22
C TRP H 11 33.60 7.19 -19.61
N GLU H 12 34.38 6.35 -18.94
CA GLU H 12 33.84 5.18 -18.26
C GLU H 12 33.21 5.63 -16.94
N SER H 13 31.98 6.13 -17.06
CA SER H 13 31.28 6.68 -15.90
C SER H 13 29.79 6.77 -16.16
N LEU H 14 29.05 7.14 -15.12
CA LEU H 14 27.60 7.27 -15.14
C LEU H 14 27.21 8.72 -14.89
N SER H 15 26.26 9.23 -15.67
CA SER H 15 25.80 10.61 -15.56
C SER H 15 24.34 10.64 -15.16
N VAL H 16 24.03 11.30 -14.03
CA VAL H 16 22.65 11.50 -13.59
C VAL H 16 22.17 12.86 -14.08
N ASP H 17 20.84 13.02 -14.13
CA ASP H 17 20.18 14.09 -14.88
C ASP H 17 18.78 14.27 -14.33
N VAL H 18 18.45 15.47 -13.85
CA VAL H 18 17.14 15.72 -13.25
C VAL H 18 16.33 16.64 -14.16
N GLY H 19 15.02 16.49 -14.11
CA GLY H 19 14.12 17.37 -14.82
C GLY H 19 12.95 17.74 -13.93
N SER H 20 12.53 19.00 -13.99
CA SER H 20 11.35 19.41 -13.22
C SER H 20 10.48 20.31 -14.08
N GLN H 21 9.17 20.20 -13.88
CA GLN H 21 8.20 21.06 -14.52
C GLN H 21 7.72 22.04 -13.46
N GLY H 22 8.50 23.09 -13.26
CA GLY H 22 8.39 23.93 -12.07
C GLY H 22 9.32 23.47 -10.96
N ASN H 23 9.82 24.44 -10.21
CA ASN H 23 10.67 24.17 -9.05
C ASN H 23 10.18 25.03 -7.88
N PRO H 24 9.41 24.44 -6.93
CA PRO H 24 9.04 23.03 -6.86
C PRO H 24 7.98 22.62 -7.87
N GLY H 25 7.99 21.33 -8.19
CA GLY H 25 7.03 20.79 -9.13
C GLY H 25 7.34 19.33 -9.40
N ILE H 26 6.74 18.80 -10.46
CA ILE H 26 6.94 17.41 -10.86
C ILE H 26 8.40 17.21 -11.23
N VAL H 27 9.06 16.25 -10.57
CA VAL H 27 10.48 16.02 -10.72
C VAL H 27 10.71 14.56 -11.11
N GLU H 28 11.68 14.34 -12.00
CA GLU H 28 12.12 13.01 -12.40
C GLU H 28 13.63 13.04 -12.62
N TYR H 29 14.21 11.85 -12.75
CA TYR H 29 15.63 11.75 -13.01
C TYR H 29 15.92 10.46 -13.77
N LYS H 30 17.16 10.35 -14.24
CA LYS H 30 17.65 9.15 -14.89
C LYS H 30 19.17 9.18 -14.89
N GLY H 31 19.79 8.00 -14.83
CA GLY H 31 21.24 7.85 -14.94
C GLY H 31 21.60 7.16 -16.25
N VAL H 32 22.56 7.74 -16.96
CA VAL H 32 22.93 7.25 -18.29
C VAL H 32 24.41 6.88 -18.31
N ASP H 33 24.75 5.96 -19.20
CA ASP H 33 26.16 5.65 -19.45
C ASP H 33 26.77 6.81 -20.21
N THR H 34 27.82 7.41 -19.64
CA THR H 34 28.41 8.62 -20.22
C THR H 34 28.96 8.39 -21.63
N LYS H 35 29.40 7.17 -21.92
CA LYS H 35 29.83 6.84 -23.27
C LYS H 35 28.67 6.33 -24.12
N THR H 36 27.93 5.34 -23.61
CA THR H 36 26.87 4.70 -24.41
C THR H 36 25.73 5.66 -24.71
N GLY H 37 25.57 6.71 -23.91
CA GLY H 37 24.32 7.46 -23.92
C GLY H 37 23.11 6.66 -23.54
N GLU H 38 23.28 5.38 -23.22
CA GLU H 38 22.18 4.50 -22.85
C GLU H 38 21.63 4.87 -21.47
N VAL H 39 20.30 4.98 -21.39
CA VAL H 39 19.65 5.22 -20.10
C VAL H 39 19.72 3.95 -19.27
N LEU H 40 20.43 4.04 -18.13
CA LEU H 40 20.64 2.88 -17.26
C LEU H 40 19.47 2.70 -16.29
N PHE H 41 19.08 3.75 -15.58
CA PHE H 41 17.87 3.73 -14.77
C PHE H 41 17.11 5.04 -14.98
N GLU H 42 15.83 5.01 -14.59
CA GLU H 42 14.92 6.14 -14.72
C GLU H 42 13.97 6.08 -13.53
N ARG H 43 13.38 7.22 -13.19
CA ARG H 43 12.53 7.35 -12.01
C ARG H 43 11.13 7.78 -12.42
N GLU H 44 10.14 7.03 -11.97
CA GLU H 44 8.75 7.40 -12.15
C GLU H 44 8.49 8.79 -11.57
N PRO H 45 7.98 9.74 -12.36
CA PRO H 45 7.86 11.12 -11.88
C PRO H 45 7.21 11.24 -10.51
N ILE H 46 7.68 12.23 -9.77
CA ILE H 46 7.30 12.47 -8.38
C ILE H 46 6.53 13.79 -8.35
N PRO H 47 5.32 13.83 -7.78
CA PRO H 47 4.44 14.98 -8.01
C PRO H 47 5.03 16.33 -7.61
N ILE H 48 5.62 16.45 -6.43
CA ILE H 48 6.20 17.71 -5.98
C ILE H 48 7.58 17.44 -5.40
N GLY H 49 8.54 18.26 -5.80
CA GLY H 49 9.89 18.21 -5.28
C GLY H 49 10.67 19.39 -5.80
N THR H 50 11.91 19.50 -5.39
CA THR H 50 12.78 20.54 -5.93
C THR H 50 13.87 19.92 -6.81
N ASN H 51 14.51 20.76 -7.63
CA ASN H 51 15.64 20.28 -8.44
C ASN H 51 16.70 19.63 -7.57
N ASN H 52 16.98 20.21 -6.40
CA ASN H 52 18.06 19.70 -5.57
C ASN H 52 17.72 18.36 -4.92
N MET H 53 16.46 18.19 -4.46
CA MET H 53 16.07 16.87 -3.97
C MET H 53 16.14 15.82 -5.08
N GLY H 54 15.67 16.16 -6.28
CA GLY H 54 15.75 15.22 -7.39
C GLY H 54 17.18 14.80 -7.68
N GLU H 55 18.13 15.74 -7.67
CA GLU H 55 19.52 15.38 -7.91
C GLU H 55 20.07 14.55 -6.77
N PHE H 56 19.66 14.87 -5.53
CA PHE H 56 20.08 14.09 -4.37
C PHE H 56 19.60 12.64 -4.50
N LEU H 57 18.38 12.45 -5.02
CA LEU H 57 17.83 11.12 -5.19
C LEU H 57 18.50 10.38 -6.34
N ALA H 58 18.76 11.06 -7.46
CA ALA H 58 19.36 10.39 -8.61
C ALA H 58 20.80 9.95 -8.30
N ILE H 59 21.54 10.78 -7.54
CA ILE H 59 22.91 10.42 -7.19
C ILE H 59 22.92 9.17 -6.32
N VAL H 60 22.10 9.15 -5.25
CA VAL H 60 22.04 7.99 -4.38
C VAL H 60 21.58 6.76 -5.16
N HIS H 61 20.61 6.96 -6.07
CA HIS H 61 20.18 5.89 -6.96
C HIS H 61 21.35 5.36 -7.78
N GLY H 62 22.16 6.26 -8.33
CA GLY H 62 23.35 5.83 -9.05
C GLY H 62 24.35 5.12 -8.15
N LEU H 63 24.43 5.53 -6.89
CA LEU H 63 25.32 4.88 -5.95
C LEU H 63 24.88 3.44 -5.68
N ARG H 64 23.59 3.25 -5.38
CA ARG H 64 23.07 1.90 -5.11
C ARG H 64 23.19 1.01 -6.34
N TYR H 65 22.90 1.57 -7.52
CA TYR H 65 22.93 0.81 -8.76
C TYR H 65 24.32 0.25 -9.03
N LEU H 66 25.35 1.09 -8.88
CA LEU H 66 26.71 0.63 -9.13
C LEU H 66 27.17 -0.38 -8.08
N LYS H 67 26.68 -0.28 -6.84
CA LYS H 67 27.11 -1.20 -5.80
C LYS H 67 26.65 -2.62 -6.11
N GLU H 68 25.37 -2.78 -6.49
CA GLU H 68 24.82 -4.09 -6.86
C GLU H 68 25.66 -4.80 -7.89
N ARG H 69 26.35 -4.04 -8.75
CA ARG H 69 27.18 -4.59 -9.81
C ARG H 69 28.67 -4.51 -9.50
N ASN H 70 29.04 -4.19 -8.25
CA ASN H 70 30.43 -4.01 -7.83
C ASN H 70 31.24 -3.24 -8.87
N SER H 71 30.64 -2.19 -9.45
CA SER H 71 31.28 -1.41 -10.50
C SER H 71 31.98 -0.21 -9.89
N ARG H 72 33.24 0.00 -10.29
CA ARG H 72 34.11 1.06 -9.76
C ARG H 72 33.90 2.40 -10.45
N LYS H 73 33.04 2.46 -11.48
CA LYS H 73 32.78 3.70 -12.21
C LYS H 73 32.36 4.83 -11.27
N PRO H 74 32.74 6.07 -11.57
CA PRO H 74 32.24 7.22 -10.82
C PRO H 74 30.94 7.77 -11.40
N ILE H 75 30.37 8.73 -10.67
CA ILE H 75 29.08 9.34 -11.02
C ILE H 75 29.31 10.83 -11.25
N TYR H 76 28.77 11.35 -12.36
CA TYR H 76 28.84 12.76 -12.70
C TYR H 76 27.50 13.42 -12.39
N SER H 77 27.53 14.54 -11.66
CA SER H 77 26.37 15.40 -11.45
C SER H 77 26.79 16.83 -11.68
N ASN H 78 25.88 17.64 -12.22
CA ASN H 78 26.14 19.07 -12.36
C ASN H 78 25.54 19.89 -11.22
N SER H 79 24.98 19.23 -10.19
CA SER H 79 24.44 19.93 -9.03
C SER H 79 25.49 19.90 -7.92
N GLN H 80 26.20 21.01 -7.73
CA GLN H 80 27.13 21.11 -6.61
C GLN H 80 26.40 21.03 -5.26
N THR H 81 25.16 21.52 -5.19
CA THR H 81 24.40 21.38 -3.96
C THR H 81 24.13 19.91 -3.64
N ALA H 82 23.70 19.13 -4.64
CA ALA H 82 23.33 17.74 -4.39
C ALA H 82 24.56 16.88 -4.11
N ILE H 83 25.67 17.14 -4.80
CA ILE H 83 26.92 16.45 -4.48
C ILE H 83 27.31 16.69 -3.02
N LYS H 84 27.21 17.94 -2.55
CA LYS H 84 27.54 18.24 -1.17
C LYS H 84 26.56 17.59 -0.19
N TRP H 85 25.28 17.54 -0.55
CA TRP H 85 24.30 16.89 0.31
C TRP H 85 24.58 15.40 0.45
N VAL H 86 25.00 14.75 -0.63
CA VAL H 86 25.27 13.31 -0.56
C VAL H 86 26.46 13.05 0.34
N LYS H 87 27.57 13.75 0.07
CA LYS H 87 28.77 13.68 0.92
C LYS H 87 28.45 13.95 2.39
N ASP H 88 27.80 15.08 2.68
CA ASP H 88 27.35 15.33 4.05
C ASP H 88 26.28 14.36 4.53
N LYS H 89 25.74 13.54 3.62
CA LYS H 89 24.73 12.54 3.95
C LYS H 89 23.48 13.19 4.57
N LYS H 90 23.12 14.37 4.06
CA LYS H 90 21.95 15.10 4.57
C LYS H 90 21.43 16.03 3.49
N ALA H 91 20.18 15.87 3.10
CA ALA H 91 19.55 16.75 2.10
C ALA H 91 18.98 17.98 2.79
N LYS H 92 19.80 19.03 2.90
CA LYS H 92 19.38 20.27 3.55
C LYS H 92 18.33 21.04 2.74
N SER H 93 17.22 20.39 2.39
CA SER H 93 16.21 21.10 1.63
C SER H 93 15.36 21.93 2.56
N THR H 94 14.87 23.06 2.04
CA THR H 94 13.89 23.87 2.74
C THR H 94 12.46 23.57 2.32
N LEU H 95 12.24 22.57 1.45
CA LEU H 95 10.88 22.28 0.99
C LEU H 95 10.01 21.84 2.16
N VAL H 96 8.87 22.53 2.33
CA VAL H 96 7.98 22.23 3.44
C VAL H 96 7.54 20.76 3.43
N ARG H 97 7.31 20.23 4.63
CA ARG H 97 6.83 18.87 4.85
C ARG H 97 5.32 18.93 5.11
N ASN H 98 4.53 18.40 4.19
CA ASN H 98 3.08 18.35 4.39
C ASN H 98 2.55 17.20 3.56
N GLU H 99 1.24 17.19 3.32
CA GLU H 99 0.62 16.09 2.61
C GLU H 99 1.07 16.06 1.15
N GLU H 100 1.21 17.22 0.52
CA GLU H 100 1.54 17.29 -0.90
C GLU H 100 2.99 16.88 -1.17
N THR H 101 3.89 17.13 -0.23
CA THR H 101 5.31 16.83 -0.42
C THR H 101 5.75 15.57 0.31
N ALA H 102 4.81 14.66 0.62
CA ALA H 102 5.16 13.51 1.46
C ALA H 102 6.00 12.48 0.70
N LEU H 103 5.71 12.26 -0.58
CA LEU H 103 6.41 11.24 -1.35
C LEU H 103 7.88 11.58 -1.57
N ILE H 104 8.17 12.82 -1.97
CA ILE H 104 9.56 13.22 -2.17
C ILE H 104 10.33 13.23 -0.86
N TRP H 105 9.67 13.65 0.23
CA TRP H 105 10.36 13.64 1.52
C TRP H 105 10.63 12.21 1.97
N LYS H 106 9.67 11.31 1.79
CA LYS H 106 9.88 9.90 2.12
C LYS H 106 11.05 9.31 1.33
N LEU H 107 11.19 9.69 0.06
CA LEU H 107 12.28 9.16 -0.76
C LEU H 107 13.63 9.70 -0.30
N VAL H 108 13.71 11.02 -0.07
CA VAL H 108 14.93 11.64 0.47
C VAL H 108 15.32 11.02 1.81
N ASP H 109 14.37 10.94 2.74
CA ASP H 109 14.66 10.33 4.04
C ASP H 109 15.15 8.89 3.84
N GLU H 110 14.49 8.14 2.95
CA GLU H 110 14.93 6.76 2.69
C GLU H 110 16.33 6.71 2.12
N ALA H 111 16.69 7.69 1.27
CA ALA H 111 18.01 7.70 0.65
C ALA H 111 19.09 8.07 1.66
N GLU H 112 18.75 8.93 2.63
CA GLU H 112 19.66 9.20 3.74
C GLU H 112 19.85 7.96 4.61
N GLU H 113 18.75 7.28 4.95
CA GLU H 113 18.83 6.04 5.73
C GLU H 113 19.81 5.08 5.05
N TRP H 114 19.74 4.97 3.72
CA TRP H 114 20.74 4.19 3.00
C TRP H 114 22.13 4.75 3.20
N LEU H 115 22.27 6.08 3.08
CA LEU H 115 23.58 6.71 3.22
C LEU H 115 24.18 6.42 4.59
N ASN H 116 23.33 6.39 5.63
CA ASN H 116 23.76 6.12 6.99
C ASN H 116 23.97 4.64 7.30
N THR H 117 23.78 3.73 6.34
CA THR H 117 23.91 2.30 6.61
C THR H 117 24.65 1.54 5.51
N HIS H 118 25.36 2.23 4.62
CA HIS H 118 26.19 1.57 3.60
C HIS H 118 27.43 2.40 3.34
N THR H 119 28.41 1.79 2.67
CA THR H 119 29.60 2.46 2.20
C THR H 119 29.68 2.33 0.69
N TYR H 120 30.55 3.13 0.09
CA TYR H 120 30.80 3.05 -1.34
C TYR H 120 32.15 3.66 -1.63
N GLU H 121 32.76 3.21 -2.72
CA GLU H 121 33.97 3.86 -3.21
C GLU H 121 33.66 4.96 -4.21
N THR H 122 32.46 4.93 -4.81
CA THR H 122 32.02 5.71 -5.97
C THR H 122 32.49 7.17 -5.91
N PRO H 123 33.39 7.57 -6.80
CA PRO H 123 33.70 9.01 -6.90
C PRO H 123 32.52 9.77 -7.48
N ILE H 124 32.09 10.81 -6.78
CA ILE H 124 30.96 11.63 -7.20
C ILE H 124 31.53 12.97 -7.66
N LEU H 125 31.66 13.15 -8.98
CA LEU H 125 32.39 14.26 -9.57
C LEU H 125 31.44 15.29 -10.18
N LYS H 126 31.68 16.56 -9.87
CA LYS H 126 30.97 17.64 -10.53
C LYS H 126 31.12 17.57 -12.05
N TRP H 127 30.00 17.59 -12.75
CA TRP H 127 29.99 17.70 -14.20
C TRP H 127 30.26 19.14 -14.61
N GLN H 128 31.32 19.34 -15.39
CA GLN H 128 31.77 20.68 -15.76
C GLN H 128 30.95 21.14 -16.95
N THR H 129 29.87 21.90 -16.69
CA THR H 129 28.92 22.23 -17.74
C THR H 129 29.51 23.23 -18.73
N ASP H 130 30.07 24.33 -18.22
CA ASP H 130 30.52 25.41 -19.11
C ASP H 130 31.63 24.99 -20.07
N LYS H 131 32.20 23.80 -19.91
CA LYS H 131 33.20 23.30 -20.86
C LYS H 131 32.70 22.13 -21.69
N TRP H 132 32.05 21.15 -21.07
CA TRP H 132 31.62 19.95 -21.78
C TRP H 132 30.19 20.03 -22.31
N GLY H 133 29.48 21.12 -22.05
CA GLY H 133 28.09 21.24 -22.47
C GLY H 133 27.12 20.65 -21.45
N GLU H 134 25.89 20.43 -21.92
CA GLU H 134 24.82 19.89 -21.08
C GLU H 134 25.10 18.44 -20.70
N ILE H 135 24.08 17.73 -20.22
CA ILE H 135 24.30 16.41 -19.66
C ILE H 135 23.09 15.51 -19.89
#